data_7EWL
#
_entry.id   7EWL
#
_cell.length_a   1.00
_cell.length_b   1.00
_cell.length_c   1.00
_cell.angle_alpha   90.00
_cell.angle_beta   90.00
_cell.angle_gamma   90.00
#
_symmetry.space_group_name_H-M   'P 1'
#
_entity_poly.entity_id   1
_entity_poly.type   'polypeptide(L)'
_entity_poly.pdbx_seq_one_letter_code
;ASRDPQGRPDSPRERTPKGKPHAQQPGRASASDSSAPWSRSTDGTILAQKLAEEVPMDVASYLYTGDSHQLKRANCSGRY
ELAGLPGKWPALASAHPSLHRALDTLTHATNFLNVMLQSNKSREQNLQDDLDWYQALVWSLLEGEPSISRAAITFSTDSL
SAPAPQVFLQATREESRILLQDLSSSAPHLANATLETEWFHGLRRKWRPHLHRRGPNQGPRGLGHSWRRKDGLGGDKSHF
KWSPPYLECENGSYKPGWLVTLSSAIYGLQPNLVPEFRGVMKVDINLQKVDIDQCSSDGWFSGTHKCHLNNSECMPIKGL
GFVLGAYECICKAGFYHPGVLPVNNFRRRGPDQHISGSTKDVSEEAYVCLPCREGCPFCADDSPCFVQEDKYLRLAIISF
QALCMLLDFVSMLVVYHFRKAKSIRASGLILLETILFGSLLLYFPVVILYFEPSTFRCILLRWARLLGFATVYGTVTLKL
HRVLKVFLSRTAQRIPYMTGGRVMRMLAVILLVVFWFLIGWTSSVCQNLEKQISLIGQGKTSDHLIFNMCLIDRWDYMTA
VAEFLFLLWGVYLCYAVRTVPSAFHEPRYMAVAVHNELIISAIFHTIRFVLASRLQSDWMLMLYFAHTHLTVTVTIGLLL
IPKFSHSSNNPRDDIATEAYEDELDMGRSGSYLNSSINSAWSEHSLD
;
_entity_poly.pdbx_strand_id   A,B
#
# COMPACT_ATOMS: atom_id res chain seq x y z
N ALA A 48 4.62 36.14 -9.49
CA ALA A 48 3.72 37.20 -9.90
C ALA A 48 4.35 38.58 -9.67
N GLN A 49 5.39 38.63 -8.87
CA GLN A 49 6.09 39.91 -8.59
C GLN A 49 7.54 39.82 -9.05
N LYS A 50 7.93 38.70 -9.65
CA LYS A 50 9.29 38.49 -10.13
C LYS A 50 9.72 39.56 -11.15
N LEU A 51 8.82 39.97 -12.06
CA LEU A 51 9.08 41.05 -13.01
C LEU A 51 9.20 42.41 -12.31
N ALA A 52 8.29 42.73 -11.37
CA ALA A 52 8.40 43.96 -10.56
C ALA A 52 9.70 44.03 -9.76
N GLU A 53 10.16 42.91 -9.19
CA GLU A 53 11.46 42.85 -8.50
C GLU A 53 12.66 43.05 -9.43
N GLU A 54 12.47 42.82 -10.73
CA GLU A 54 13.56 43.00 -11.72
C GLU A 54 13.61 44.33 -12.49
N VAL A 55 12.99 45.37 -11.90
CA VAL A 55 12.72 46.66 -12.59
C VAL A 55 12.68 47.79 -11.55
N PRO A 56 13.16 47.53 -10.33
CA PRO A 56 13.20 48.50 -9.21
C PRO A 56 14.40 48.22 -8.31
N MET A 57 15.59 48.05 -8.89
CA MET A 57 16.86 47.78 -8.19
C MET A 57 18.04 47.93 -9.17
N ASP A 58 19.20 48.37 -8.69
CA ASP A 58 20.43 48.57 -9.50
C ASP A 58 21.62 47.87 -8.84
N VAL A 59 22.04 48.30 -7.65
CA VAL A 59 23.18 47.74 -6.88
C VAL A 59 22.70 46.58 -5.99
N ALA A 60 21.58 46.79 -5.28
CA ALA A 60 20.96 45.81 -4.35
C ALA A 60 20.46 44.59 -5.14
N SER A 61 20.01 44.81 -6.38
CA SER A 61 19.48 43.77 -7.30
C SER A 61 20.41 42.56 -7.30
N TYR A 62 21.71 42.79 -7.53
CA TYR A 62 22.77 41.75 -7.59
C TYR A 62 22.98 41.15 -6.19
N LEU A 63 23.09 42.00 -5.17
CA LEU A 63 23.32 41.58 -3.77
C LEU A 63 22.21 40.65 -3.27
N TYR A 64 20.94 40.96 -3.56
CA TYR A 64 19.81 40.13 -3.15
C TYR A 64 19.81 38.73 -3.79
N THR A 65 20.27 38.58 -5.04
CA THR A 65 20.34 37.28 -5.73
C THR A 65 21.68 36.51 -5.53
N GLY A 66 22.76 37.17 -5.11
CA GLY A 66 24.10 36.53 -5.02
C GLY A 66 24.71 36.51 -3.62
N ASP A 67 24.26 37.38 -2.72
CA ASP A 67 24.91 37.65 -1.44
C ASP A 67 26.26 38.39 -1.52
N SER A 68 26.76 38.77 -2.71
CA SER A 68 28.08 39.37 -2.86
C SER A 68 28.10 40.88 -2.53
N HIS A 69 28.77 41.23 -1.44
CA HIS A 69 28.97 42.62 -1.02
C HIS A 69 29.86 43.46 -1.94
N GLN A 70 30.63 42.87 -2.86
CA GLN A 70 31.62 43.60 -3.66
C GLN A 70 31.01 44.58 -4.67
N LEU A 71 29.80 44.33 -5.17
CA LEU A 71 29.09 45.28 -6.03
C LEU A 71 28.42 46.36 -5.18
N LYS A 72 27.63 45.94 -4.18
CA LYS A 72 26.89 46.83 -3.28
C LYS A 72 27.76 47.93 -2.63
N ARG A 73 28.98 47.60 -2.19
CA ARG A 73 29.93 48.56 -1.59
C ARG A 73 30.42 49.65 -2.54
N ALA A 74 30.29 49.47 -3.86
CA ALA A 74 30.66 50.45 -4.88
C ALA A 74 29.47 51.29 -5.36
N ASN A 75 28.25 50.91 -5.01
CA ASN A 75 27.04 51.61 -5.39
C ASN A 75 26.85 52.85 -4.52
N CYS A 76 26.73 54.02 -5.16
CA CYS A 76 26.47 55.28 -4.47
C CYS A 76 25.02 55.34 -3.98
N SER A 77 24.86 55.66 -2.70
CA SER A 77 23.56 55.78 -2.00
C SER A 77 23.16 57.25 -1.90
N GLY A 78 21.87 57.52 -1.64
CA GLY A 78 21.30 58.88 -1.52
C GLY A 78 20.26 58.91 -0.40
N ARG A 79 19.76 57.74 0.02
CA ARG A 79 18.74 57.57 1.08
C ARG A 79 18.49 56.09 1.33
N TYR A 80 17.65 55.77 2.34
CA TYR A 80 17.28 54.40 2.74
C TYR A 80 16.82 53.61 1.51
N GLU A 81 17.35 52.40 1.33
CA GLU A 81 17.03 51.51 0.20
C GLU A 81 16.25 50.28 0.70
N LEU A 82 15.05 50.51 1.25
CA LEU A 82 14.20 49.41 1.76
C LEU A 82 13.21 48.96 0.68
N ALA A 83 12.52 47.85 0.92
CA ALA A 83 11.52 47.32 -0.04
C ALA A 83 10.16 47.22 0.63
N GLY A 84 9.16 47.92 0.09
CA GLY A 84 7.76 47.96 0.60
C GLY A 84 6.80 47.49 -0.51
N LEU A 85 6.52 46.18 -0.58
CA LEU A 85 5.62 45.58 -1.58
C LEU A 85 6.10 44.23 -2.05
N PRO A 86 7.42 44.07 -2.22
CA PRO A 86 8.08 42.82 -2.68
C PRO A 86 7.90 41.72 -1.64
N GLY A 87 7.87 42.09 -0.34
CA GLY A 87 7.71 41.17 0.79
C GLY A 87 6.28 40.67 0.91
N LYS A 88 5.99 39.95 2.00
CA LYS A 88 4.65 39.38 2.29
C LYS A 88 3.81 40.32 3.13
N TRP A 89 2.84 39.77 3.87
CA TRP A 89 1.91 40.53 4.75
C TRP A 89 2.63 40.90 6.05
N PRO A 90 3.13 39.91 6.79
CA PRO A 90 3.86 40.07 8.06
C PRO A 90 4.53 38.75 8.45
N ALA A 91 5.37 38.77 9.49
CA ALA A 91 6.12 37.60 10.02
C ALA A 91 5.75 37.38 11.49
N LEU A 92 4.46 37.23 11.78
CA LEU A 92 4.00 37.01 13.17
C LEU A 92 3.88 35.51 13.44
N ALA A 93 3.63 34.71 12.40
CA ALA A 93 3.48 33.24 12.45
C ALA A 93 4.76 32.57 11.94
N SER A 94 4.93 32.54 10.62
CA SER A 94 6.10 31.94 9.93
C SER A 94 7.30 32.89 10.01
N ALA A 95 8.22 32.62 10.95
CA ALA A 95 9.42 33.41 11.18
C ALA A 95 10.46 32.54 11.84
N HIS A 96 11.74 32.81 11.57
CA HIS A 96 12.89 32.11 12.19
C HIS A 96 12.91 32.44 13.69
N PRO A 97 13.27 31.51 14.60
CA PRO A 97 13.29 31.74 16.05
C PRO A 97 13.77 33.12 16.55
N SER A 98 14.86 33.65 15.98
CA SER A 98 15.47 34.96 16.34
C SER A 98 14.39 36.04 16.50
N LEU A 99 13.65 36.32 15.42
CA LEU A 99 12.59 37.38 15.36
C LEU A 99 11.69 37.28 16.60
N HIS A 100 11.15 36.09 16.89
CA HIS A 100 10.25 35.83 18.04
C HIS A 100 10.88 36.35 19.34
N ARG A 101 12.14 35.96 19.58
CA ARG A 101 12.94 36.34 20.78
C ARG A 101 13.10 37.87 20.82
N ALA A 102 13.43 38.48 19.68
CA ALA A 102 13.63 39.94 19.53
C ALA A 102 12.38 40.69 20.01
N LEU A 103 11.21 40.22 19.62
CA LEU A 103 9.89 40.80 20.00
C LEU A 103 9.63 40.57 21.48
N ASP A 104 9.97 39.37 21.98
CA ASP A 104 9.79 38.96 23.40
C ASP A 104 10.57 39.92 24.31
N THR A 105 11.80 40.26 23.93
CA THR A 105 12.69 41.21 24.65
C THR A 105 11.98 42.57 24.80
N LEU A 106 11.57 43.17 23.68
CA LEU A 106 10.88 44.48 23.63
C LEU A 106 9.62 44.44 24.49
N THR A 107 8.84 43.36 24.39
CA THR A 107 7.57 43.13 25.12
C THR A 107 7.79 43.36 26.63
N HIS A 108 8.74 42.63 27.22
CA HIS A 108 9.10 42.68 28.67
C HIS A 108 9.56 44.09 29.04
N ALA A 109 10.40 44.70 28.20
CA ALA A 109 10.98 46.06 28.40
C ALA A 109 9.87 47.12 28.29
N THR A 110 8.84 46.85 27.50
CA THR A 110 7.68 47.75 27.26
C THR A 110 6.71 47.65 28.45
N ASN A 111 6.49 46.44 28.96
CA ASN A 111 5.58 46.16 30.10
C ASN A 111 6.16 46.79 31.38
N PHE A 112 7.48 46.69 31.56
CA PHE A 112 8.24 47.22 32.73
C PHE A 112 8.10 48.76 32.75
N LEU A 113 8.27 49.40 31.60
CA LEU A 113 8.20 50.88 31.43
C LEU A 113 6.74 51.34 31.58
N ASN A 114 5.80 50.60 30.99
CA ASN A 114 4.34 50.90 31.02
C ASN A 114 3.88 50.96 32.48
N VAL A 115 4.20 49.93 33.26
CA VAL A 115 3.82 49.80 34.71
C VAL A 115 4.47 50.94 35.50
N MET A 116 5.69 51.33 35.14
CA MET A 116 6.47 52.41 35.80
C MET A 116 5.89 53.78 35.42
N LEU A 117 5.34 53.90 34.22
CA LEU A 117 4.75 55.15 33.67
C LEU A 117 3.28 55.27 34.12
N GLN A 118 2.61 54.15 34.40
CA GLN A 118 1.20 54.09 34.84
C GLN A 118 1.09 53.99 36.36
N SER A 119 2.21 54.01 37.09
CA SER A 119 2.25 53.94 38.57
C SER A 119 1.73 55.27 39.14
N ASN A 120 1.16 55.24 40.35
CA ASN A 120 0.59 56.41 41.05
C ASN A 120 1.69 57.44 41.34
N LYS A 121 1.37 58.74 41.30
CA LYS A 121 2.30 59.84 41.57
C LYS A 121 3.54 59.76 40.68
N SER A 122 3.30 59.76 39.36
CA SER A 122 4.38 59.71 38.37
C SER A 122 5.20 61.00 38.48
N ARG A 123 6.47 60.85 38.86
CA ARG A 123 7.27 61.98 39.30
C ARG A 123 7.67 62.91 38.17
N GLU A 124 7.98 62.35 36.98
CA GLU A 124 8.60 63.07 35.86
C GLU A 124 9.88 63.78 36.28
N GLN A 125 10.64 63.13 37.15
CA GLN A 125 11.91 63.65 37.65
C GLN A 125 13.05 63.06 36.82
N ASN A 126 13.01 63.36 35.52
CA ASN A 126 13.90 62.74 34.55
C ASN A 126 15.33 63.29 34.58
N LEU A 127 15.69 64.08 35.59
CA LEU A 127 16.99 64.73 35.63
C LEU A 127 18.05 63.91 36.34
N GLN A 128 17.81 63.51 37.59
CA GLN A 128 18.91 63.08 38.46
C GLN A 128 19.34 61.64 38.17
N ASP A 129 18.46 60.70 38.44
CA ASP A 129 18.83 59.30 38.32
C ASP A 129 17.86 58.50 37.49
N ASP A 130 16.78 59.10 37.01
CA ASP A 130 15.89 58.43 36.06
C ASP A 130 16.63 58.06 34.79
N LEU A 131 17.46 58.97 34.28
CA LEU A 131 18.27 58.73 33.10
C LEU A 131 19.21 57.54 33.27
N ASP A 132 19.68 57.32 34.50
CA ASP A 132 20.49 56.14 34.80
C ASP A 132 19.67 54.86 34.72
N TRP A 133 18.43 54.91 35.22
CA TRP A 133 17.52 53.77 35.10
C TRP A 133 17.26 53.44 33.65
N TYR A 134 16.98 54.47 32.84
CA TYR A 134 16.65 54.24 31.44
C TYR A 134 17.86 53.76 30.65
N GLN A 135 19.05 54.26 30.97
CA GLN A 135 20.25 53.79 30.30
C GLN A 135 20.55 52.35 30.65
N ALA A 136 20.34 51.97 31.91
CA ALA A 136 20.56 50.58 32.28
C ALA A 136 19.50 49.69 31.65
N LEU A 137 18.30 50.22 31.48
CA LEU A 137 17.15 49.50 30.88
C LEU A 137 17.39 49.31 29.37
N VAL A 138 18.19 50.17 28.74
CA VAL A 138 18.47 50.04 27.32
C VAL A 138 19.65 49.10 27.07
N TRP A 139 20.71 49.23 27.86
CA TRP A 139 21.80 48.24 27.81
C TRP A 139 21.30 46.84 28.16
N SER A 140 20.32 46.73 29.05
CA SER A 140 19.70 45.44 29.33
C SER A 140 18.91 44.92 28.14
N LEU A 141 18.17 45.83 27.50
CA LEU A 141 17.32 45.50 26.33
C LEU A 141 18.22 44.85 25.26
N LEU A 142 19.42 45.41 25.06
CA LEU A 142 20.33 44.85 24.09
C LEU A 142 20.92 43.51 24.53
N GLU A 143 21.31 43.38 25.81
CA GLU A 143 22.24 42.35 26.26
C GLU A 143 21.72 40.93 26.16
N GLY A 144 20.45 40.73 25.82
CA GLY A 144 19.86 39.41 25.95
C GLY A 144 19.79 38.60 24.68
N GLU A 145 19.33 39.20 23.60
CA GLU A 145 19.28 38.49 22.33
C GLU A 145 20.61 38.59 21.62
N PRO A 146 21.00 37.49 20.96
CA PRO A 146 22.30 37.42 20.23
C PRO A 146 22.11 37.87 18.78
N SER A 147 20.95 38.45 18.46
CA SER A 147 20.66 38.92 17.09
C SER A 147 19.95 40.28 17.15
N ILE A 148 20.56 41.25 17.85
CA ILE A 148 19.96 42.57 17.98
C ILE A 148 21.11 43.54 17.87
N SER A 149 21.02 44.48 16.94
CA SER A 149 22.19 45.26 16.57
C SER A 149 22.20 46.66 17.15
N ARG A 150 21.05 47.29 17.25
CA ARG A 150 20.96 48.61 17.84
C ARG A 150 19.64 48.71 18.59
N ALA A 151 19.62 49.58 19.59
CA ALA A 151 18.42 49.72 20.39
C ALA A 151 18.37 51.12 20.95
N ALA A 152 17.19 51.70 21.00
CA ALA A 152 17.12 53.08 21.46
C ALA A 152 15.76 53.40 22.04
N ILE A 153 15.74 54.40 22.90
CA ILE A 153 14.54 54.84 23.59
C ILE A 153 14.50 56.35 23.58
N THR A 154 13.32 56.91 23.34
CA THR A 154 13.20 58.36 23.32
C THR A 154 11.84 58.77 23.84
N PHE A 155 11.81 59.91 24.53
CA PHE A 155 10.55 60.43 25.06
C PHE A 155 10.67 61.93 25.24
N SER A 156 9.52 62.59 25.36
CA SER A 156 9.47 64.06 25.55
C SER A 156 8.20 64.45 26.32
N THR A 157 8.37 65.12 27.47
CA THR A 157 7.21 65.55 28.31
C THR A 157 7.49 66.94 28.89
N GLN A 166 12.92 65.49 26.96
CA GLN A 166 13.79 66.21 26.00
C GLN A 166 15.14 65.49 25.88
N VAL A 167 15.23 64.28 26.44
CA VAL A 167 16.48 63.49 26.39
C VAL A 167 16.23 62.16 25.68
N PHE A 168 17.30 61.47 25.28
CA PHE A 168 17.19 60.16 24.58
C PHE A 168 18.54 59.43 24.63
N LEU A 169 18.49 58.11 24.81
CA LEU A 169 19.74 57.29 24.88
C LEU A 169 19.63 56.12 23.89
N GLN A 170 20.77 55.64 23.38
CA GLN A 170 20.78 54.50 22.42
C GLN A 170 22.08 53.69 22.62
N ALA A 171 22.12 52.47 22.07
CA ALA A 171 23.28 51.62 22.18
C ALA A 171 23.37 50.74 20.96
N THR A 172 24.59 50.30 20.65
CA THR A 172 24.84 49.41 19.52
C THR A 172 25.94 48.42 19.87
N ARG A 173 25.85 47.23 19.30
CA ARG A 173 26.86 46.21 19.53
C ARG A 173 28.05 46.48 18.61
N GLU A 174 29.04 47.24 19.09
CA GLU A 174 30.03 47.84 18.20
C GLU A 174 31.08 46.83 17.72
N GLU A 175 31.91 46.33 18.63
CA GLU A 175 32.89 45.32 18.26
C GLU A 175 32.67 44.02 19.01
N SER A 176 32.75 44.06 20.34
CA SER A 176 32.30 43.00 21.20
C SER A 176 31.54 43.53 22.40
N ARG A 177 31.78 44.79 22.77
CA ARG A 177 31.11 45.43 23.89
C ARG A 177 30.02 46.34 23.35
N ILE A 178 29.14 46.78 24.25
CA ILE A 178 28.03 47.64 23.89
C ILE A 178 28.50 49.10 23.92
N LEU A 179 28.51 49.75 22.78
CA LEU A 179 28.74 51.18 22.76
C LEU A 179 27.44 51.90 23.09
N LEU A 180 27.53 52.89 23.99
CA LEU A 180 26.35 53.69 24.41
C LEU A 180 26.64 55.18 24.17
N GLN A 181 25.58 55.98 24.01
CA GLN A 181 25.73 57.43 23.77
C GLN A 181 24.49 58.16 24.30
N ASP A 182 24.63 59.45 24.62
CA ASP A 182 23.50 60.27 25.15
C ASP A 182 22.83 61.01 23.99
N LEU A 183 22.35 60.27 22.99
CA LEU A 183 21.65 60.87 21.83
C LEU A 183 20.72 59.82 21.21
N SER A 184 19.49 60.21 20.87
CA SER A 184 18.52 59.29 20.24
C SER A 184 19.20 58.61 19.04
N SER A 185 19.45 57.30 19.14
CA SER A 185 20.19 56.61 18.05
C SER A 185 19.49 55.30 17.68
N SER A 186 19.46 54.99 16.37
CA SER A 186 18.84 53.74 15.88
C SER A 186 17.39 53.96 15.49
N ALA A 187 16.49 53.09 15.98
CA ALA A 187 15.06 53.20 15.68
C ALA A 187 14.42 54.42 16.32
N PRO A 188 13.48 55.06 15.62
CA PRO A 188 12.80 56.26 16.14
C PRO A 188 11.45 56.44 15.43
N HIS A 189 10.52 55.51 15.66
CA HIS A 189 9.17 55.57 15.04
C HIS A 189 8.26 56.47 15.88
N LEU A 190 8.85 57.40 16.64
CA LEU A 190 8.07 58.33 17.50
C LEU A 190 7.07 59.11 16.63
N ALA A 191 7.53 59.61 15.48
CA ALA A 191 6.66 60.39 14.56
C ALA A 191 5.51 59.48 14.07
N ASN A 192 5.81 58.20 13.85
CA ASN A 192 4.81 57.25 13.38
C ASN A 192 3.88 56.83 14.50
N ALA A 193 4.44 56.59 15.69
CA ALA A 193 3.62 56.23 16.84
C ALA A 193 2.71 57.39 17.23
N THR A 194 3.22 58.62 17.17
CA THR A 194 2.39 59.77 17.47
C THR A 194 1.26 59.91 16.47
N LEU A 195 1.55 59.63 15.20
CA LEU A 195 0.52 59.69 14.16
C LEU A 195 -0.53 58.63 14.40
N GLU A 196 -0.12 57.44 14.86
CA GLU A 196 -1.08 56.40 15.18
C GLU A 196 -1.92 56.78 16.40
N THR A 197 -1.28 57.41 17.40
CA THR A 197 -1.96 57.71 18.65
C THR A 197 -2.96 58.86 18.48
N HIS A 239 0.81 50.25 21.08
CA HIS A 239 0.82 48.84 20.73
C HIS A 239 2.02 48.54 19.85
N PHE A 240 1.96 47.43 19.13
CA PHE A 240 3.08 47.04 18.29
C PHE A 240 3.09 47.85 17.01
N LYS A 241 4.26 47.85 16.35
CA LYS A 241 4.41 48.42 15.02
C LYS A 241 5.65 47.81 14.39
N TRP A 242 5.46 46.96 13.38
CA TRP A 242 6.59 46.37 12.68
C TRP A 242 7.02 47.29 11.56
N SER A 243 7.89 46.79 10.68
CA SER A 243 8.40 47.57 9.52
C SER A 243 8.79 46.63 8.38
N PRO A 244 9.23 47.20 7.26
CA PRO A 244 9.64 46.40 6.07
C PRO A 244 11.14 46.11 6.14
N PRO A 245 11.69 45.44 5.13
CA PRO A 245 13.12 45.08 5.00
C PRO A 245 13.87 46.34 4.55
N TYR A 246 15.00 46.66 5.19
CA TYR A 246 15.71 47.90 4.80
C TYR A 246 17.21 47.84 5.06
N LEU A 247 18.00 48.41 4.14
CA LEU A 247 19.48 48.42 4.27
C LEU A 247 19.92 49.71 4.98
N GLU A 248 20.76 49.58 6.01
CA GLU A 248 21.26 50.75 6.77
C GLU A 248 22.39 51.43 6.00
N CYS A 249 22.45 52.76 6.03
CA CYS A 249 23.50 53.53 5.32
C CYS A 249 24.39 54.24 6.34
N GLU A 250 25.70 53.96 6.30
CA GLU A 250 26.67 54.59 7.23
C GLU A 250 27.74 55.34 6.43
N ASN A 251 27.96 56.62 6.75
CA ASN A 251 28.96 57.46 6.05
C ASN A 251 28.78 57.34 4.54
N GLY A 252 27.55 57.54 4.05
CA GLY A 252 27.25 57.46 2.60
C GLY A 252 27.79 56.14 2.03
N SER A 253 27.28 55.01 2.53
CA SER A 253 27.73 53.68 2.05
C SER A 253 26.67 52.63 2.40
N TYR A 254 26.08 52.01 1.37
CA TYR A 254 25.03 50.97 1.57
C TYR A 254 25.54 49.91 2.56
N LYS A 255 24.84 49.77 3.70
CA LYS A 255 25.24 48.78 4.73
C LYS A 255 25.12 47.36 4.16
N PRO A 256 25.99 46.46 4.62
CA PRO A 256 25.98 45.04 4.14
C PRO A 256 25.23 44.18 5.15
N GLY A 257 23.97 44.51 5.42
CA GLY A 257 23.15 43.76 6.37
C GLY A 257 21.74 44.26 6.11
N TRP A 258 20.78 43.33 6.20
CA TRP A 258 19.34 43.61 6.07
C TRP A 258 18.74 43.70 7.47
N LEU A 259 18.27 44.90 7.85
CA LEU A 259 17.70 45.22 9.16
C LEU A 259 16.16 45.24 9.10
N VAL A 260 15.51 45.02 10.23
CA VAL A 260 14.08 45.31 10.41
C VAL A 260 13.85 46.10 11.70
N THR A 261 13.08 47.19 11.62
CA THR A 261 12.65 47.95 12.79
C THR A 261 11.41 47.32 13.39
N LEU A 262 11.47 47.04 14.69
CA LEU A 262 10.32 46.79 15.55
C LEU A 262 10.09 48.01 16.45
N SER A 263 8.84 48.45 16.56
CA SER A 263 8.49 49.64 17.35
C SER A 263 7.25 49.43 18.22
N SER A 264 7.25 50.02 19.41
CA SER A 264 6.21 49.86 20.42
C SER A 264 5.98 51.17 21.20
N ALA A 265 4.72 51.50 21.47
CA ALA A 265 4.34 52.75 22.13
C ALA A 265 4.45 52.65 23.67
N ILE A 266 4.87 53.75 24.28
CA ILE A 266 5.05 53.92 25.73
C ILE A 266 3.95 54.84 26.25
N TYR A 267 3.27 54.43 27.33
CA TYR A 267 2.11 55.10 27.90
C TYR A 267 2.29 55.47 29.38
N GLU A 276 -2.03 57.79 26.48
CA GLU A 276 -1.39 58.78 25.59
C GLU A 276 0.05 58.34 25.30
N PHE A 277 0.53 58.57 24.07
CA PHE A 277 1.91 58.20 23.68
C PHE A 277 2.89 59.30 24.11
N ARG A 278 4.04 58.90 24.64
CA ARG A 278 5.07 59.88 25.10
C ARG A 278 6.45 59.22 25.07
N GLY A 279 6.58 58.11 24.35
CA GLY A 279 7.86 57.39 24.24
C GLY A 279 7.87 56.43 23.07
N VAL A 280 9.06 56.16 22.50
CA VAL A 280 9.19 55.23 21.34
C VAL A 280 10.44 54.36 21.54
N MET A 281 10.25 53.06 21.79
CA MET A 281 11.35 52.15 22.00
C MET A 281 11.51 51.34 20.74
N LYS A 282 12.75 51.15 20.27
CA LYS A 282 12.87 50.43 18.99
C LYS A 282 14.17 49.63 18.89
N VAL A 283 14.02 48.32 18.67
CA VAL A 283 15.13 47.42 18.44
C VAL A 283 15.24 47.22 16.94
N ASP A 284 16.48 47.11 16.46
CA ASP A 284 16.75 46.90 15.01
C ASP A 284 17.30 45.48 14.80
N ILE A 285 16.42 44.48 14.85
CA ILE A 285 16.83 43.05 14.67
C ILE A 285 17.66 42.93 13.39
N ASN A 286 18.86 42.36 13.49
CA ASN A 286 19.76 42.19 12.32
C ASN A 286 19.30 40.97 11.50
N LEU A 287 18.40 41.18 10.54
CA LEU A 287 17.89 40.08 9.69
C LEU A 287 18.80 39.91 8.46
N GLN A 288 20.06 39.53 8.69
CA GLN A 288 21.04 39.33 7.59
C GLN A 288 21.45 37.86 7.54
N LYS A 289 21.46 37.19 8.70
CA LYS A 289 21.82 35.76 8.85
C LYS A 289 20.57 34.96 9.21
N VAL A 290 19.55 35.01 8.35
CA VAL A 290 18.24 34.30 8.52
C VAL A 290 17.97 33.46 7.28
N ASP A 291 17.26 32.34 7.44
CA ASP A 291 16.88 31.40 6.35
C ASP A 291 15.58 31.86 5.70
N ILE A 292 15.42 31.61 4.40
CA ILE A 292 14.25 31.99 3.63
C ILE A 292 13.98 30.88 2.63
N ASP A 293 12.71 30.45 2.56
CA ASP A 293 12.30 29.29 1.76
C ASP A 293 11.15 29.71 0.84
N GLN A 294 11.48 29.88 -0.45
CA GLN A 294 10.53 30.31 -1.49
C GLN A 294 9.50 29.19 -1.78
N CYS A 295 9.81 27.94 -1.37
CA CYS A 295 8.97 26.74 -1.61
C CYS A 295 8.08 26.42 -0.40
N SER A 296 8.13 27.25 0.63
CA SER A 296 7.31 27.05 1.85
C SER A 296 5.87 27.52 1.61
N SER A 297 4.90 26.87 2.25
CA SER A 297 3.46 27.24 2.10
C SER A 297 3.26 28.70 2.52
N ASP A 298 3.43 29.01 3.81
CA ASP A 298 3.19 30.37 4.38
C ASP A 298 4.47 30.85 5.08
N GLY A 299 5.22 31.81 4.49
CA GLY A 299 6.48 32.35 5.03
C GLY A 299 6.85 33.67 4.37
N TRP A 300 8.15 34.02 4.35
CA TRP A 300 8.67 35.24 3.76
C TRP A 300 8.65 35.13 2.24
N PHE A 301 7.68 35.81 1.62
CA PHE A 301 7.51 35.89 0.16
C PHE A 301 7.75 34.56 -0.56
N SER A 302 6.89 33.60 -0.22
CA SER A 302 6.88 32.20 -0.72
C SER A 302 6.48 32.38 -2.19
N GLY A 303 7.48 32.37 -3.10
CA GLY A 303 7.34 32.42 -4.56
C GLY A 303 8.39 31.44 -5.09
N THR A 304 8.00 30.28 -5.63
CA THR A 304 8.93 29.25 -6.16
C THR A 304 8.79 29.38 -7.67
N HIS A 305 9.17 30.55 -8.20
CA HIS A 305 8.97 30.95 -9.61
C HIS A 305 10.06 30.38 -10.53
N LYS A 306 10.42 29.10 -10.40
CA LYS A 306 11.39 28.50 -11.31
C LYS A 306 11.04 27.10 -11.77
N CYS A 307 10.11 26.39 -11.14
CA CYS A 307 9.76 25.03 -11.57
C CYS A 307 8.34 24.73 -11.12
N HIS A 308 7.35 24.97 -11.99
CA HIS A 308 5.89 24.92 -11.66
C HIS A 308 5.31 23.50 -11.50
N LEU A 309 5.15 22.74 -12.59
CA LEU A 309 4.49 21.41 -12.51
C LEU A 309 5.28 20.28 -13.18
N ASN A 310 5.57 20.40 -14.48
CA ASN A 310 6.21 19.34 -15.30
C ASN A 310 7.49 18.81 -14.62
N ASN A 311 7.48 17.57 -14.09
CA ASN A 311 8.65 16.93 -13.43
C ASN A 311 9.28 17.94 -12.46
N SER A 312 8.44 18.60 -11.66
CA SER A 312 8.82 19.67 -10.70
C SER A 312 8.70 19.19 -9.25
N GLU A 313 9.57 19.70 -8.35
CA GLU A 313 9.61 19.42 -6.89
C GLU A 313 10.70 20.32 -6.26
N CYS A 314 10.38 21.11 -5.23
CA CYS A 314 11.32 22.03 -4.53
C CYS A 314 11.93 21.40 -3.26
N MET A 315 13.21 21.00 -3.31
CA MET A 315 13.97 20.49 -2.13
C MET A 315 15.09 21.50 -1.86
N PRO A 316 14.85 22.60 -1.12
CA PRO A 316 15.85 23.65 -0.91
C PRO A 316 16.89 23.40 0.19
N ILE A 317 17.96 24.20 0.19
CA ILE A 317 19.07 24.15 1.18
C ILE A 317 18.52 24.70 2.51
N LYS A 318 19.09 24.25 3.63
CA LYS A 318 18.67 24.64 5.01
C LYS A 318 19.39 25.94 5.43
N GLY A 319 20.73 25.94 5.47
CA GLY A 319 21.55 27.09 5.89
C GLY A 319 22.32 27.72 4.74
N LEU A 320 21.84 28.85 4.21
CA LEU A 320 22.49 29.58 3.09
C LEU A 320 22.69 31.06 3.44
N GLY A 321 21.61 31.81 3.69
CA GLY A 321 21.63 33.24 4.03
C GLY A 321 20.33 33.90 3.62
N PHE A 322 20.09 35.15 4.04
CA PHE A 322 18.85 35.90 3.71
C PHE A 322 19.01 36.31 2.24
N VAL A 323 18.94 35.32 1.34
CA VAL A 323 19.23 35.49 -0.07
C VAL A 323 18.46 34.42 -0.83
N LEU A 324 18.11 34.73 -2.07
CA LEU A 324 17.20 33.92 -2.82
C LEU A 324 17.97 33.02 -3.77
N GLY A 325 17.24 32.26 -4.57
CA GLY A 325 17.88 31.38 -5.52
C GLY A 325 18.68 30.30 -4.84
N ALA A 326 18.06 29.64 -3.88
CA ALA A 326 18.69 28.62 -3.06
C ALA A 326 17.76 27.45 -2.88
N TYR A 327 17.09 27.03 -3.96
CA TYR A 327 16.10 25.97 -3.89
C TYR A 327 16.25 25.06 -5.10
N GLU A 328 16.94 23.92 -4.95
CA GLU A 328 17.25 22.99 -6.06
C GLU A 328 15.97 22.32 -6.58
N CYS A 329 15.44 22.79 -7.72
CA CYS A 329 14.26 22.17 -8.39
C CYS A 329 14.66 20.72 -8.70
N ILE A 330 13.76 19.78 -8.45
CA ILE A 330 14.03 18.32 -8.56
C ILE A 330 13.24 17.76 -9.75
N CYS A 331 13.86 16.92 -10.58
CA CYS A 331 13.23 16.32 -11.75
C CYS A 331 12.55 15.03 -11.32
N LYS A 332 11.23 15.09 -11.18
CA LYS A 332 10.37 13.95 -10.75
C LYS A 332 10.23 12.96 -11.90
N ALA A 333 11.12 11.97 -11.97
CA ALA A 333 11.16 10.91 -13.02
C ALA A 333 11.32 11.55 -14.40
N GLY A 334 12.46 12.22 -14.62
CA GLY A 334 12.78 12.90 -15.89
C GLY A 334 14.27 13.13 -16.04
N PHE A 335 14.66 13.95 -17.02
CA PHE A 335 16.07 14.30 -17.34
C PHE A 335 16.49 15.53 -16.51
N TYR A 336 17.76 15.59 -16.11
CA TYR A 336 18.29 16.72 -15.31
C TYR A 336 19.34 17.49 -16.14
N HIS A 337 18.95 17.94 -17.33
CA HIS A 337 19.86 18.70 -18.22
C HIS A 337 19.05 19.61 -19.14
N TYR A 367 20.13 22.84 -14.14
CA TYR A 367 19.08 23.64 -13.45
C TYR A 367 17.84 23.73 -14.35
N VAL A 368 17.39 22.58 -14.87
CA VAL A 368 16.21 22.46 -15.76
C VAL A 368 15.76 21.00 -15.82
N CYS A 369 14.44 20.76 -15.84
CA CYS A 369 13.84 19.43 -15.90
C CYS A 369 13.02 19.29 -17.18
N LEU A 370 13.06 18.10 -17.82
CA LEU A 370 12.38 17.84 -19.12
C LEU A 370 11.82 16.41 -19.13
N PRO A 371 11.02 15.98 -20.13
CA PRO A 371 10.47 14.63 -20.15
C PRO A 371 11.46 13.58 -20.69
N CYS A 372 11.09 12.30 -20.57
CA CYS A 372 11.89 11.15 -20.98
C CYS A 372 11.26 10.45 -22.18
N ARG A 373 12.15 9.87 -22.99
CA ARG A 373 11.85 9.23 -24.31
C ARG A 373 10.65 8.28 -24.27
N GLU A 374 10.56 7.40 -23.27
CA GLU A 374 9.45 6.43 -23.20
C GLU A 374 9.22 6.02 -21.74
N GLY A 375 8.53 4.90 -21.54
CA GLY A 375 8.24 4.42 -20.19
C GLY A 375 9.50 3.73 -19.68
N CYS A 376 10.49 4.55 -19.35
CA CYS A 376 11.78 4.09 -18.85
C CYS A 376 12.32 5.11 -17.85
N PRO A 377 12.00 4.98 -16.55
CA PRO A 377 12.51 5.96 -15.58
C PRO A 377 14.00 5.81 -15.33
N PHE A 378 14.53 6.63 -14.42
CA PHE A 378 15.96 6.62 -14.12
C PHE A 378 16.77 6.97 -15.36
N CYS A 379 16.34 8.01 -16.07
CA CYS A 379 16.98 8.44 -17.30
C CYS A 379 18.30 9.12 -16.95
N ALA A 380 19.30 8.29 -16.61
CA ALA A 380 20.63 8.81 -16.35
C ALA A 380 21.17 9.55 -17.56
N ASP A 381 20.80 9.10 -18.74
CA ASP A 381 20.88 9.86 -19.97
C ASP A 381 19.47 9.94 -20.55
N ASP A 382 19.24 10.93 -21.38
CA ASP A 382 17.99 11.01 -22.14
C ASP A 382 18.12 10.25 -23.45
N SER A 383 18.60 9.01 -23.33
CA SER A 383 18.70 8.04 -24.39
C SER A 383 17.63 6.97 -24.23
N PRO A 384 17.39 6.17 -25.27
CA PRO A 384 16.25 5.25 -25.25
C PRO A 384 16.59 3.87 -24.72
N CYS A 385 15.55 3.22 -24.20
CA CYS A 385 15.68 1.91 -23.55
C CYS A 385 15.08 0.78 -24.37
N PHE A 386 13.99 1.06 -25.09
CA PHE A 386 13.32 0.03 -25.93
C PHE A 386 14.17 -0.23 -27.17
N VAL A 387 14.36 -1.51 -27.50
CA VAL A 387 15.16 -1.98 -28.68
C VAL A 387 14.51 -1.40 -29.95
N GLN A 388 15.31 -1.30 -31.02
CA GLN A 388 14.90 -0.75 -32.34
C GLN A 388 14.26 -1.86 -33.18
N GLU A 389 13.69 -1.50 -34.33
CA GLU A 389 13.00 -2.45 -35.24
C GLU A 389 13.41 -2.17 -36.69
N ASP A 390 13.80 -3.24 -37.40
CA ASP A 390 14.14 -3.23 -38.85
C ASP A 390 12.75 -3.35 -39.48
N LYS A 391 12.15 -2.21 -39.81
CA LYS A 391 10.78 -2.12 -40.39
C LYS A 391 10.84 -2.63 -41.83
N TYR A 392 11.96 -2.38 -42.53
CA TYR A 392 12.18 -2.84 -43.94
C TYR A 392 11.98 -4.36 -44.03
N LEU A 393 12.39 -5.09 -42.98
CA LEU A 393 12.31 -6.57 -42.90
C LEU A 393 10.90 -6.98 -42.43
N ARG A 394 10.19 -6.09 -41.74
CA ARG A 394 8.82 -6.34 -41.20
C ARG A 394 7.78 -6.25 -42.31
N LEU A 395 7.86 -5.23 -43.18
CA LEU A 395 6.91 -5.03 -44.26
C LEU A 395 7.00 -6.13 -45.30
N ALA A 396 8.22 -6.57 -45.61
CA ALA A 396 8.38 -7.71 -46.50
C ALA A 396 7.69 -8.95 -45.94
N ILE A 397 7.89 -9.20 -44.64
CA ILE A 397 7.27 -10.33 -43.98
C ILE A 397 5.75 -10.30 -44.17
N ILE A 398 5.14 -9.20 -43.74
CA ILE A 398 3.67 -9.10 -43.77
C ILE A 398 3.16 -9.16 -45.20
N SER A 399 3.89 -8.56 -46.13
CA SER A 399 3.43 -8.54 -47.52
C SER A 399 3.44 -9.93 -48.11
N PHE A 400 4.50 -10.70 -47.84
CA PHE A 400 4.57 -12.06 -48.35
C PHE A 400 3.49 -12.93 -47.71
N GLN A 401 3.22 -12.72 -46.43
CA GLN A 401 2.14 -13.46 -45.77
C GLN A 401 0.80 -13.17 -46.42
N ALA A 402 0.53 -11.89 -46.71
CA ALA A 402 -0.76 -11.54 -47.30
C ALA A 402 -0.85 -12.05 -48.73
N LEU A 403 0.27 -12.06 -49.45
CA LEU A 403 0.29 -12.67 -50.77
C LEU A 403 -0.11 -14.14 -50.69
N CYS A 404 0.45 -14.86 -49.72
CA CYS A 404 0.12 -16.28 -49.61
C CYS A 404 -1.33 -16.48 -49.22
N MET A 405 -1.87 -15.65 -48.33
CA MET A 405 -3.28 -15.74 -47.97
C MET A 405 -4.18 -15.51 -49.18
N LEU A 406 -3.88 -14.47 -49.96
CA LEU A 406 -4.65 -14.20 -51.17
C LEU A 406 -4.60 -15.38 -52.13
N LEU A 407 -3.40 -15.91 -52.37
CA LEU A 407 -3.28 -17.06 -53.26
C LEU A 407 -4.05 -18.27 -52.73
N ASP A 408 -4.14 -18.42 -51.41
CA ASP A 408 -4.93 -19.50 -50.84
C ASP A 408 -6.41 -19.32 -51.14
N PHE A 409 -6.93 -18.11 -50.92
CA PHE A 409 -8.34 -17.84 -51.22
C PHE A 409 -8.61 -18.08 -52.70
N VAL A 410 -7.64 -17.68 -53.53
CA VAL A 410 -7.66 -17.82 -55.01
C VAL A 410 -7.76 -19.32 -55.33
N SER A 411 -7.03 -20.16 -54.58
CA SER A 411 -7.05 -21.61 -54.78
C SER A 411 -8.40 -22.19 -54.38
N MET A 412 -9.00 -21.65 -53.33
CA MET A 412 -10.31 -22.13 -52.90
C MET A 412 -11.35 -21.87 -53.98
N LEU A 413 -11.37 -20.64 -54.51
CA LEU A 413 -12.28 -20.35 -55.62
C LEU A 413 -12.01 -21.26 -56.82
N VAL A 414 -10.74 -21.49 -57.13
CA VAL A 414 -10.38 -22.34 -58.27
C VAL A 414 -10.95 -23.73 -58.09
N VAL A 415 -10.79 -24.32 -56.91
CA VAL A 415 -11.34 -25.65 -56.67
C VAL A 415 -12.86 -25.61 -56.72
N TYR A 416 -13.46 -24.48 -56.33
CA TYR A 416 -14.91 -24.34 -56.48
C TYR A 416 -15.31 -24.28 -57.95
N HIS A 417 -14.37 -23.94 -58.85
CA HIS A 417 -14.67 -23.95 -60.28
C HIS A 417 -14.53 -25.33 -60.90
N PHE A 418 -13.61 -26.16 -60.41
CA PHE A 418 -13.21 -27.40 -61.08
C PHE A 418 -13.84 -28.61 -60.39
N ARG A 419 -15.11 -28.48 -60.03
CA ARG A 419 -15.87 -29.48 -59.23
C ARG A 419 -16.23 -30.77 -59.99
N LYS A 420 -15.92 -30.90 -61.28
CA LYS A 420 -16.32 -32.09 -62.03
C LYS A 420 -15.13 -32.98 -62.41
N ALA A 421 -13.93 -32.63 -61.96
CA ALA A 421 -12.73 -33.38 -62.30
C ALA A 421 -12.56 -34.54 -61.33
N LYS A 422 -11.39 -35.18 -61.40
CA LYS A 422 -11.07 -36.27 -60.49
C LYS A 422 -10.59 -35.78 -59.14
N SER A 423 -10.75 -34.49 -58.85
CA SER A 423 -10.68 -34.02 -57.47
C SER A 423 -11.81 -34.63 -56.64
N ILE A 424 -13.05 -34.38 -57.06
CA ILE A 424 -14.24 -34.75 -56.28
C ILE A 424 -14.29 -36.25 -55.98
N ARG A 425 -13.84 -37.08 -56.92
CA ARG A 425 -13.94 -38.52 -56.73
C ARG A 425 -12.97 -39.02 -55.65
N ALA A 426 -11.72 -38.56 -55.73
CA ALA A 426 -10.70 -39.04 -54.80
C ALA A 426 -10.74 -38.30 -53.47
N SER A 427 -10.99 -37.00 -53.50
CA SER A 427 -10.99 -36.17 -52.30
C SER A 427 -12.10 -35.14 -52.43
N GLY A 428 -13.11 -35.27 -51.57
CA GLY A 428 -14.30 -34.45 -51.67
C GLY A 428 -13.98 -32.96 -51.61
N LEU A 429 -14.85 -32.19 -52.24
CA LEU A 429 -14.67 -30.75 -52.33
C LEU A 429 -14.73 -30.10 -50.95
N ILE A 430 -15.61 -30.61 -50.08
CA ILE A 430 -15.82 -29.97 -48.80
C ILE A 430 -14.57 -30.09 -47.94
N LEU A 431 -13.95 -31.27 -47.96
CA LEU A 431 -12.74 -31.49 -47.16
C LEU A 431 -11.61 -30.59 -47.62
N LEU A 432 -11.47 -30.40 -48.93
CA LEU A 432 -10.38 -29.57 -49.44
C LEU A 432 -10.62 -28.11 -49.11
N GLU A 433 -11.84 -27.62 -49.30
CA GLU A 433 -12.13 -26.25 -48.91
C GLU A 433 -11.96 -26.05 -47.42
N THR A 434 -12.24 -27.09 -46.63
CA THR A 434 -12.02 -27.01 -45.19
C THR A 434 -10.54 -26.88 -44.87
N ILE A 435 -9.71 -27.70 -45.50
CA ILE A 435 -8.27 -27.61 -45.30
C ILE A 435 -7.76 -26.22 -45.65
N LEU A 436 -8.24 -25.66 -46.76
CA LEU A 436 -7.75 -24.35 -47.17
C LEU A 436 -8.23 -23.26 -46.21
N PHE A 437 -9.46 -23.37 -45.71
CA PHE A 437 -9.93 -22.41 -44.72
C PHE A 437 -9.13 -22.52 -43.43
N GLY A 438 -8.75 -23.73 -43.06
CA GLY A 438 -7.92 -23.91 -41.89
C GLY A 438 -6.56 -23.27 -42.05
N SER A 439 -5.92 -23.50 -43.19
CA SER A 439 -4.62 -22.89 -43.44
C SER A 439 -4.72 -21.38 -43.43
N LEU A 440 -5.77 -20.83 -44.05
CA LEU A 440 -6.05 -19.41 -43.95
C LEU A 440 -6.21 -18.97 -42.50
N LEU A 441 -6.74 -19.87 -41.67
CA LEU A 441 -6.98 -19.62 -40.23
C LEU A 441 -5.70 -19.86 -39.43
N LEU A 442 -4.60 -20.27 -40.09
CA LEU A 442 -3.35 -20.55 -39.40
C LEU A 442 -2.26 -19.54 -39.72
N TYR A 443 -2.48 -18.62 -40.67
CA TYR A 443 -1.50 -17.57 -41.03
C TYR A 443 -1.58 -16.42 -40.01
N PHE A 444 -2.75 -16.24 -39.38
CA PHE A 444 -3.06 -15.18 -38.38
C PHE A 444 -1.86 -14.87 -37.47
N PRO A 445 -1.26 -15.82 -36.70
CA PRO A 445 -0.12 -15.50 -35.81
C PRO A 445 0.98 -14.55 -36.35
N VAL A 446 1.37 -14.73 -37.62
CA VAL A 446 2.41 -13.91 -38.30
C VAL A 446 2.02 -12.42 -38.27
N VAL A 447 0.74 -12.10 -38.50
CA VAL A 447 0.23 -10.70 -38.54
C VAL A 447 -0.08 -10.22 -37.11
N ILE A 448 -0.46 -11.12 -36.20
CA ILE A 448 -0.76 -10.79 -34.81
C ILE A 448 0.51 -10.36 -34.09
N LEU A 449 1.64 -10.94 -34.44
CA LEU A 449 2.90 -10.62 -33.78
C LEU A 449 3.52 -9.35 -34.32
N TYR A 450 3.15 -8.93 -35.53
CA TYR A 450 3.67 -7.67 -36.06
C TYR A 450 3.21 -6.48 -35.24
N PHE A 451 1.94 -6.46 -34.86
CA PHE A 451 1.39 -5.36 -34.07
C PHE A 451 1.97 -5.36 -32.66
N GLU A 452 1.72 -4.29 -31.93
CA GLU A 452 2.21 -4.19 -30.57
C GLU A 452 1.45 -5.18 -29.68
N PRO A 453 2.14 -5.82 -28.74
CA PRO A 453 1.48 -6.85 -27.91
C PRO A 453 0.42 -6.27 -26.99
N SER A 454 -0.80 -6.75 -27.16
CA SER A 454 -1.91 -6.47 -26.26
C SER A 454 -2.31 -7.76 -25.55
N THR A 455 -3.39 -7.69 -24.77
CA THR A 455 -3.89 -8.86 -24.05
C THR A 455 -5.05 -9.52 -24.76
N PHE A 456 -5.63 -8.85 -25.75
CA PHE A 456 -6.64 -9.46 -26.62
C PHE A 456 -6.02 -10.31 -27.71
N ARG A 457 -4.78 -9.96 -28.08
CA ARG A 457 -4.00 -10.56 -29.20
C ARG A 457 -3.52 -11.98 -28.84
N CYS A 458 -2.80 -12.15 -27.73
CA CYS A 458 -2.24 -13.44 -27.35
C CYS A 458 -3.32 -14.52 -27.38
N ILE A 459 -4.51 -14.18 -26.89
CA ILE A 459 -5.63 -15.10 -26.90
C ILE A 459 -5.96 -15.53 -28.33
N LEU A 460 -6.06 -14.54 -29.24
CA LEU A 460 -6.43 -14.87 -30.61
C LEU A 460 -5.34 -15.68 -31.28
N LEU A 461 -4.11 -15.50 -30.82
CA LEU A 461 -2.92 -16.24 -31.29
C LEU A 461 -3.12 -17.72 -30.95
N ARG A 462 -3.64 -18.02 -29.75
CA ARG A 462 -3.87 -19.40 -29.32
C ARG A 462 -5.06 -20.01 -30.04
N TRP A 463 -6.17 -19.27 -30.09
CA TRP A 463 -7.36 -19.75 -30.79
C TRP A 463 -7.04 -20.13 -32.22
N ALA A 464 -6.40 -19.21 -32.96
CA ALA A 464 -6.10 -19.43 -34.36
C ALA A 464 -5.23 -20.66 -34.54
N ARG A 465 -4.07 -20.68 -33.89
CA ARG A 465 -3.13 -21.79 -33.98
C ARG A 465 -3.82 -23.12 -33.75
N LEU A 466 -4.41 -23.27 -32.56
CA LEU A 466 -5.06 -24.51 -32.06
C LEU A 466 -6.20 -24.96 -32.98
N LEU A 467 -7.14 -24.07 -33.32
CA LEU A 467 -8.32 -24.41 -34.09
C LEU A 467 -7.95 -24.74 -35.53
N GLY A 468 -6.96 -24.05 -36.09
CA GLY A 468 -6.54 -24.35 -37.45
C GLY A 468 -5.81 -25.67 -37.54
N PHE A 469 -4.90 -25.92 -36.59
CA PHE A 469 -4.27 -27.23 -36.47
C PHE A 469 -5.31 -28.34 -36.48
N ALA A 470 -6.36 -28.18 -35.68
CA ALA A 470 -7.43 -29.16 -35.65
C ALA A 470 -8.07 -29.31 -37.02
N THR A 471 -8.65 -28.24 -37.54
CA THR A 471 -9.47 -28.36 -38.74
C THR A 471 -8.67 -28.75 -39.97
N VAL A 472 -7.34 -28.73 -39.87
CA VAL A 472 -6.41 -29.04 -40.99
C VAL A 472 -5.90 -30.48 -40.87
N TYR A 473 -5.32 -30.87 -39.73
CA TYR A 473 -4.71 -32.19 -39.57
C TYR A 473 -5.71 -33.23 -39.16
N GLY A 474 -6.78 -32.84 -38.46
CA GLY A 474 -7.87 -33.76 -38.20
C GLY A 474 -8.44 -34.35 -39.47
N THR A 475 -8.79 -33.50 -40.43
CA THR A 475 -9.39 -34.02 -41.66
C THR A 475 -8.36 -34.72 -42.52
N VAL A 476 -7.10 -34.30 -42.37
CA VAL A 476 -5.93 -34.91 -43.08
C VAL A 476 -5.82 -36.38 -42.67
N THR A 477 -5.77 -36.67 -41.36
CA THR A 477 -5.63 -38.02 -40.86
C THR A 477 -6.93 -38.80 -40.90
N LEU A 478 -8.05 -38.08 -40.81
CA LEU A 478 -9.43 -38.64 -40.86
C LEU A 478 -9.65 -39.22 -42.26
N LYS A 479 -9.11 -38.56 -43.29
CA LYS A 479 -9.18 -38.98 -44.72
C LYS A 479 -8.39 -40.28 -44.87
N LEU A 480 -7.25 -40.38 -44.16
CA LEU A 480 -6.37 -41.57 -44.15
C LEU A 480 -7.10 -42.72 -43.47
N HIS A 481 -7.90 -42.41 -42.44
CA HIS A 481 -8.70 -43.38 -41.70
C HIS A 481 -9.77 -43.99 -42.58
N ARG A 482 -10.40 -43.13 -43.38
CA ARG A 482 -11.45 -43.51 -44.36
C ARG A 482 -10.83 -44.51 -45.34
N VAL A 483 -9.56 -44.29 -45.73
CA VAL A 483 -8.84 -45.18 -46.65
C VAL A 483 -8.60 -46.53 -45.99
N LEU A 484 -8.00 -46.53 -44.81
CA LEU A 484 -7.67 -47.78 -44.13
C LEU A 484 -8.91 -48.59 -43.82
N LYS A 485 -10.04 -47.93 -43.60
CA LYS A 485 -11.28 -48.65 -43.35
C LYS A 485 -11.81 -49.27 -44.63
N VAL A 486 -11.71 -48.55 -45.74
CA VAL A 486 -12.18 -49.08 -47.02
C VAL A 486 -11.29 -50.23 -47.47
N PHE A 487 -10.02 -50.24 -47.09
CA PHE A 487 -9.12 -51.31 -47.49
C PHE A 487 -9.55 -52.65 -46.92
N LEU A 488 -10.28 -52.64 -45.80
CA LEU A 488 -10.76 -53.86 -45.17
C LEU A 488 -12.24 -54.07 -45.45
N ARG A 502 -18.90 -39.57 -44.61
CA ARG A 502 -19.08 -39.53 -43.17
C ARG A 502 -17.75 -39.24 -42.47
N VAL A 503 -17.29 -38.00 -42.59
CA VAL A 503 -16.10 -37.52 -41.89
C VAL A 503 -16.43 -36.26 -41.10
N MET A 504 -17.45 -35.52 -41.53
CA MET A 504 -17.74 -34.26 -40.87
C MET A 504 -18.28 -34.46 -39.47
N ARG A 505 -19.11 -35.51 -39.30
CA ARG A 505 -19.69 -35.90 -37.99
C ARG A 505 -18.53 -36.35 -37.09
N MET A 506 -17.57 -37.08 -37.67
CA MET A 506 -16.38 -37.56 -36.99
C MET A 506 -15.29 -36.51 -36.90
N LEU A 507 -15.56 -35.28 -37.33
CA LEU A 507 -14.68 -34.13 -37.15
C LEU A 507 -15.19 -33.17 -36.10
N ALA A 508 -16.50 -32.92 -36.09
CA ALA A 508 -17.07 -31.94 -35.19
C ALA A 508 -16.85 -32.31 -33.74
N VAL A 509 -16.63 -33.59 -33.46
CA VAL A 509 -16.21 -34.00 -32.11
C VAL A 509 -14.95 -33.26 -31.71
N ILE A 510 -13.97 -33.29 -32.62
CA ILE A 510 -12.62 -32.67 -32.47
C ILE A 510 -12.78 -31.17 -32.15
N LEU A 511 -13.56 -30.46 -32.97
CA LEU A 511 -13.78 -29.03 -32.80
C LEU A 511 -14.60 -28.74 -31.56
N LEU A 512 -15.46 -29.67 -31.16
CA LEU A 512 -16.22 -29.48 -29.93
C LEU A 512 -15.32 -29.54 -28.71
N VAL A 513 -14.46 -30.57 -28.64
CA VAL A 513 -13.47 -30.66 -27.58
C VAL A 513 -12.61 -29.40 -27.54
N VAL A 514 -12.16 -28.98 -28.72
CA VAL A 514 -11.28 -27.79 -28.94
C VAL A 514 -11.96 -26.55 -28.38
N PHE A 515 -13.21 -26.29 -28.77
CA PHE A 515 -13.96 -25.13 -28.34
C PHE A 515 -14.19 -25.17 -26.83
N TRP A 516 -14.40 -26.37 -26.29
CA TRP A 516 -14.61 -26.60 -24.84
C TRP A 516 -13.36 -26.16 -24.09
N PHE A 517 -12.18 -26.65 -24.50
CA PHE A 517 -10.86 -26.34 -23.89
C PHE A 517 -10.59 -24.84 -24.00
N LEU A 518 -10.77 -24.28 -25.19
CA LEU A 518 -10.56 -22.84 -25.50
C LEU A 518 -11.40 -21.98 -24.55
N ILE A 519 -12.72 -22.22 -24.53
CA ILE A 519 -13.70 -21.49 -23.69
C ILE A 519 -13.24 -21.56 -22.23
N GLY A 520 -12.71 -22.70 -21.78
CA GLY A 520 -12.25 -22.85 -20.41
C GLY A 520 -11.01 -22.03 -20.12
N TRP A 521 -10.01 -22.14 -20.99
CA TRP A 521 -8.71 -21.44 -20.89
C TRP A 521 -8.96 -19.93 -20.86
N THR A 522 -9.74 -19.42 -21.84
CA THR A 522 -10.07 -18.02 -21.97
C THR A 522 -10.79 -17.49 -20.74
N SER A 523 -11.72 -18.28 -20.19
CA SER A 523 -12.45 -17.87 -19.02
C SER A 523 -11.55 -17.81 -17.80
N SER A 524 -10.70 -18.81 -17.61
CA SER A 524 -9.79 -18.82 -16.47
C SER A 524 -8.84 -17.64 -16.52
N VAL A 525 -8.52 -17.19 -17.73
CA VAL A 525 -7.64 -16.03 -17.86
C VAL A 525 -8.41 -14.73 -17.61
N CYS A 526 -9.43 -14.44 -18.42
CA CYS A 526 -10.19 -13.20 -18.31
C CYS A 526 -10.81 -13.00 -16.94
N GLN A 527 -11.19 -14.08 -16.25
CA GLN A 527 -11.96 -13.95 -15.04
C GLN A 527 -11.09 -13.63 -13.84
N ASN A 528 -9.94 -14.29 -13.73
CA ASN A 528 -9.18 -14.35 -12.49
C ASN A 528 -7.76 -13.85 -12.64
N LEU A 529 -7.10 -14.13 -13.77
CA LEU A 529 -5.67 -13.93 -13.92
C LEU A 529 -5.35 -12.94 -15.04
N GLU A 530 -6.17 -11.89 -15.17
CA GLU A 530 -5.92 -10.81 -16.11
C GLU A 530 -5.98 -9.47 -15.41
N LYS A 531 -6.88 -9.34 -14.43
CA LYS A 531 -7.15 -8.09 -13.73
C LYS A 531 -6.80 -8.13 -12.26
N GLN A 532 -6.83 -9.29 -11.64
CA GLN A 532 -6.63 -9.38 -10.19
C GLN A 532 -5.15 -9.32 -9.85
N ILE A 533 -4.37 -10.29 -10.29
CA ILE A 533 -2.94 -10.32 -9.98
C ILE A 533 -2.11 -10.45 -11.25
N SER A 534 -2.37 -11.49 -12.03
CA SER A 534 -1.47 -11.87 -13.11
C SER A 534 -1.82 -11.15 -14.41
N LEU A 535 -0.86 -11.11 -15.33
CA LEU A 535 -0.99 -10.46 -16.65
C LEU A 535 -0.11 -11.22 -17.65
N ILE A 536 -0.56 -11.33 -18.91
CA ILE A 536 0.16 -12.06 -20.00
C ILE A 536 1.29 -11.16 -20.55
N GLY A 537 0.94 -9.99 -21.07
CA GLY A 537 1.91 -9.03 -21.62
C GLY A 537 3.01 -8.77 -20.59
N GLN A 538 4.28 -9.10 -20.89
CA GLN A 538 5.39 -8.94 -19.91
C GLN A 538 6.60 -8.32 -20.62
N GLY A 539 7.24 -7.31 -20.03
CA GLY A 539 8.42 -6.63 -20.61
C GLY A 539 9.70 -7.20 -20.01
N LYS A 540 10.42 -8.08 -20.74
CA LYS A 540 11.63 -8.70 -20.24
C LYS A 540 12.86 -7.94 -20.74
N THR A 541 13.95 -8.03 -19.98
CA THR A 541 15.20 -7.36 -20.26
C THR A 541 16.19 -8.30 -20.93
N SER A 542 16.99 -7.75 -21.85
CA SER A 542 18.03 -8.46 -22.56
C SER A 542 19.40 -8.19 -21.94
N ASP A 543 19.42 -8.00 -20.62
CA ASP A 543 20.58 -7.70 -19.79
C ASP A 543 21.07 -6.27 -19.94
N HIS A 544 20.62 -5.53 -20.96
CA HIS A 544 20.74 -4.07 -20.93
C HIS A 544 19.60 -3.33 -21.61
N LEU A 545 18.64 -4.04 -22.21
CA LEU A 545 17.55 -3.41 -22.95
C LEU A 545 16.29 -4.26 -22.81
N ILE A 546 15.14 -3.63 -22.96
CA ILE A 546 13.85 -4.26 -22.66
C ILE A 546 13.12 -4.59 -23.97
N PHE A 547 12.07 -5.39 -23.83
CA PHE A 547 11.24 -5.78 -24.96
C PHE A 547 9.99 -6.48 -24.43
N ASN A 548 8.84 -6.13 -25.01
CA ASN A 548 7.56 -6.71 -24.66
C ASN A 548 7.33 -8.03 -25.38
N MET A 549 6.43 -8.85 -24.83
CA MET A 549 6.09 -10.13 -25.44
C MET A 549 4.91 -10.74 -24.70
N CYS A 550 4.21 -11.64 -25.41
CA CYS A 550 3.24 -12.51 -24.77
C CYS A 550 3.98 -13.61 -24.02
N LEU A 551 3.46 -13.98 -22.85
CA LEU A 551 4.06 -15.03 -22.05
C LEU A 551 3.48 -16.39 -22.38
N ILE A 552 4.14 -17.42 -21.83
CA ILE A 552 3.74 -18.81 -21.99
C ILE A 552 3.39 -19.37 -20.62
N ASP A 553 2.65 -20.48 -20.64
CA ASP A 553 2.22 -21.16 -19.43
C ASP A 553 2.10 -22.64 -19.75
N ARG A 554 2.06 -23.46 -18.68
CA ARG A 554 1.98 -24.93 -18.72
C ARG A 554 0.98 -25.37 -19.80
N TRP A 555 -0.17 -24.65 -19.90
CA TRP A 555 -1.26 -24.92 -20.87
C TRP A 555 -0.67 -25.12 -22.28
N ASP A 556 0.36 -24.33 -22.65
CA ASP A 556 0.99 -24.41 -23.96
C ASP A 556 1.79 -25.68 -24.12
N TYR A 557 2.46 -26.08 -23.03
CA TYR A 557 3.30 -27.30 -22.94
C TYR A 557 2.43 -28.53 -23.21
N MET A 558 1.24 -28.57 -22.59
CA MET A 558 0.33 -29.70 -22.72
C MET A 558 -0.35 -29.71 -24.09
N THR A 559 -0.63 -28.52 -24.63
CA THR A 559 -1.21 -28.45 -25.96
C THR A 559 -0.24 -28.95 -27.02
N ALA A 560 1.02 -28.54 -26.94
CA ALA A 560 2.04 -29.08 -27.85
C ALA A 560 2.11 -30.60 -27.75
N VAL A 561 2.03 -31.12 -26.54
CA VAL A 561 2.03 -32.57 -26.37
C VAL A 561 0.83 -33.20 -27.06
N ALA A 562 -0.32 -32.54 -26.99
CA ALA A 562 -1.51 -33.06 -27.66
C ALA A 562 -1.31 -33.13 -29.16
N GLU A 563 -0.74 -32.08 -29.73
CA GLU A 563 -0.41 -32.07 -31.15
C GLU A 563 0.50 -33.24 -31.50
N PHE A 564 1.54 -33.43 -30.68
CA PHE A 564 2.44 -34.57 -30.83
C PHE A 564 1.68 -35.88 -30.91
N LEU A 565 0.80 -36.13 -29.95
CA LEU A 565 0.19 -37.45 -29.86
C LEU A 565 -0.83 -37.68 -30.97
N PHE A 566 -1.56 -36.62 -31.31
CA PHE A 566 -2.59 -36.60 -32.38
C PHE A 566 -1.91 -36.94 -33.72
N LEU A 567 -0.66 -36.50 -33.87
CA LEU A 567 0.19 -36.75 -35.06
C LEU A 567 0.74 -38.18 -35.00
N LEU A 568 0.97 -38.69 -33.78
CA LEU A 568 1.48 -40.05 -33.51
C LEU A 568 0.51 -41.08 -34.07
N TRP A 569 -0.79 -40.83 -33.92
CA TRP A 569 -1.90 -41.70 -34.42
C TRP A 569 -1.84 -41.76 -35.94
N GLY A 570 -1.52 -40.63 -36.58
CA GLY A 570 -1.42 -40.50 -38.05
C GLY A 570 -0.15 -41.15 -38.58
N VAL A 571 0.91 -41.16 -37.77
CA VAL A 571 2.24 -41.76 -38.10
C VAL A 571 2.07 -43.28 -38.22
N TYR A 572 1.38 -43.88 -37.24
CA TYR A 572 1.10 -45.34 -37.17
C TYR A 572 0.12 -45.71 -38.28
N LEU A 573 -0.89 -44.86 -38.50
CA LEU A 573 -1.94 -45.04 -39.54
C LEU A 573 -1.27 -45.06 -40.92
N CYS A 574 -0.37 -44.11 -41.18
CA CYS A 574 0.39 -43.96 -42.45
C CYS A 574 1.35 -45.15 -42.62
N TYR A 575 1.89 -45.65 -41.50
CA TYR A 575 2.83 -46.81 -41.45
C TYR A 575 2.07 -48.09 -41.79
N ALA A 576 0.79 -48.15 -41.43
CA ALA A 576 -0.12 -49.30 -41.68
C ALA A 576 -0.46 -49.38 -43.17
N VAL A 577 -0.97 -48.28 -43.73
CA VAL A 577 -1.36 -48.15 -45.17
C VAL A 577 -0.10 -47.80 -45.98
N ARG A 578 0.81 -48.76 -46.15
CA ARG A 578 2.10 -48.58 -46.88
C ARG A 578 2.03 -49.25 -48.27
N THR A 579 0.91 -49.90 -48.63
CA THR A 579 0.73 -50.60 -49.92
C THR A 579 -0.77 -50.76 -50.21
N VAL A 580 -1.49 -49.64 -50.32
CA VAL A 580 -2.95 -49.66 -50.61
C VAL A 580 -3.18 -49.11 -52.02
N PRO A 581 -3.95 -49.81 -52.91
CA PRO A 581 -4.20 -49.32 -54.27
C PRO A 581 -4.67 -47.85 -54.27
N SER A 582 -4.09 -47.00 -55.12
CA SER A 582 -4.44 -45.55 -55.24
C SER A 582 -4.12 -45.06 -56.66
N ALA A 583 -5.05 -44.38 -57.35
CA ALA A 583 -4.83 -43.87 -58.69
C ALA A 583 -4.04 -42.55 -58.69
N PHE A 584 -3.88 -41.91 -57.52
CA PHE A 584 -3.21 -40.64 -57.42
C PHE A 584 -2.15 -40.58 -56.32
N HIS A 585 -1.99 -41.65 -55.54
CA HIS A 585 -0.91 -41.78 -54.55
C HIS A 585 -0.94 -40.65 -53.51
N GLU A 586 -2.12 -40.11 -53.26
CA GLU A 586 -2.32 -39.09 -52.23
C GLU A 586 -1.73 -39.44 -50.87
N PRO A 587 -1.96 -40.66 -50.34
CA PRO A 587 -1.47 -41.05 -49.01
C PRO A 587 0.03 -40.80 -48.81
N ARG A 588 0.81 -40.90 -49.90
CA ARG A 588 2.27 -40.71 -49.92
C ARG A 588 2.59 -39.26 -49.52
N TYR A 589 1.88 -38.30 -50.13
CA TYR A 589 2.06 -36.88 -49.86
C TYR A 589 1.50 -36.51 -48.50
N MET A 590 0.36 -37.10 -48.14
CA MET A 590 -0.22 -36.87 -46.81
C MET A 590 0.78 -37.23 -45.72
N ALA A 591 1.35 -38.43 -45.79
CA ALA A 591 2.30 -38.86 -44.77
C ALA A 591 3.52 -37.94 -44.73
N VAL A 592 3.96 -37.48 -45.90
CA VAL A 592 5.09 -36.55 -45.93
C VAL A 592 4.75 -35.30 -45.13
N ALA A 593 3.56 -34.75 -45.37
CA ALA A 593 3.12 -33.56 -44.63
C ALA A 593 3.07 -33.83 -43.14
N VAL A 594 2.59 -35.01 -42.77
CA VAL A 594 2.43 -35.36 -41.35
C VAL A 594 3.79 -35.37 -40.66
N HIS A 595 4.75 -36.12 -41.22
CA HIS A 595 6.06 -36.21 -40.60
C HIS A 595 6.75 -34.86 -40.55
N ASN A 596 6.60 -34.07 -41.62
CA ASN A 596 7.16 -32.72 -41.65
C ASN A 596 6.64 -31.89 -40.49
N GLU A 597 5.32 -31.88 -40.33
CA GLU A 597 4.69 -31.12 -39.25
C GLU A 597 5.21 -31.59 -37.90
N LEU A 598 5.24 -32.91 -37.70
CA LEU A 598 5.67 -33.46 -36.41
C LEU A 598 7.06 -32.98 -36.04
N ILE A 599 8.02 -33.18 -36.95
CA ILE A 599 9.41 -32.86 -36.63
C ILE A 599 9.58 -31.37 -36.39
N ILE A 600 9.19 -30.62 -37.42
CA ILE A 600 9.29 -29.13 -37.46
C ILE A 600 8.60 -28.52 -36.23
N SER A 601 7.44 -29.05 -35.81
CA SER A 601 6.68 -28.52 -34.69
C SER A 601 7.38 -28.83 -33.38
N ALA A 602 7.93 -30.03 -33.24
CA ALA A 602 8.72 -30.34 -32.06
C ALA A 602 9.87 -29.36 -31.89
N ILE A 603 10.59 -29.11 -32.98
CA ILE A 603 11.75 -28.22 -32.91
C ILE A 603 11.32 -26.80 -32.53
N PHE A 604 10.29 -26.29 -33.21
CA PHE A 604 9.83 -24.94 -32.95
C PHE A 604 9.35 -24.77 -31.52
N HIS A 605 8.60 -25.75 -31.00
CA HIS A 605 8.05 -25.60 -29.67
C HIS A 605 9.15 -25.69 -28.63
N THR A 606 10.12 -26.59 -28.84
CA THR A 606 11.25 -26.64 -27.93
C THR A 606 12.01 -25.32 -27.91
N ILE A 607 12.24 -24.74 -29.09
CA ILE A 607 13.05 -23.53 -29.14
C ILE A 607 12.30 -22.35 -28.54
N ARG A 608 10.97 -22.38 -28.66
CA ARG A 608 10.07 -21.31 -28.15
C ARG A 608 9.96 -21.37 -26.62
N PHE A 609 9.92 -22.57 -26.04
CA PHE A 609 9.73 -22.74 -24.60
C PHE A 609 11.04 -22.75 -23.83
N VAL A 610 12.16 -23.04 -24.49
CA VAL A 610 13.45 -23.03 -23.80
C VAL A 610 13.87 -21.60 -23.46
N LEU A 611 13.92 -20.73 -24.46
CA LEU A 611 14.64 -19.46 -24.39
C LEU A 611 13.76 -18.27 -24.76
N ALA A 612 12.53 -18.24 -24.25
CA ALA A 612 11.65 -17.11 -24.54
C ALA A 612 11.96 -15.89 -23.68
N SER A 613 12.93 -15.96 -22.78
CA SER A 613 13.31 -14.79 -22.00
C SER A 613 14.32 -13.91 -22.70
N ARG A 614 14.96 -14.39 -23.77
CA ARG A 614 16.00 -13.66 -24.49
C ARG A 614 15.70 -13.67 -25.99
N LEU A 615 14.47 -13.32 -26.34
CA LEU A 615 14.04 -13.20 -27.74
C LEU A 615 13.35 -11.85 -27.92
N GLN A 616 14.07 -10.93 -28.55
CA GLN A 616 13.49 -9.65 -28.93
C GLN A 616 12.40 -9.86 -29.98
N SER A 617 11.69 -8.77 -30.29
CA SER A 617 10.50 -8.85 -31.12
C SER A 617 10.79 -8.80 -32.61
N ASP A 618 11.99 -9.18 -33.04
CA ASP A 618 12.30 -9.36 -34.45
C ASP A 618 12.81 -10.76 -34.78
N TRP A 619 13.15 -11.55 -33.76
CA TRP A 619 13.55 -12.94 -33.95
C TRP A 619 12.36 -13.87 -33.86
N MET A 620 11.43 -13.59 -32.95
CA MET A 620 10.23 -14.41 -32.82
C MET A 620 9.40 -14.37 -34.10
N LEU A 621 9.36 -13.19 -34.73
CA LEU A 621 8.60 -12.93 -35.97
C LEU A 621 9.17 -13.81 -37.11
N MET A 622 10.50 -13.87 -37.22
CA MET A 622 11.23 -14.65 -38.25
C MET A 622 11.03 -16.15 -38.00
N LEU A 623 11.02 -16.55 -36.72
CA LEU A 623 10.85 -17.97 -36.28
C LEU A 623 9.45 -18.46 -36.63
N TYR A 624 8.43 -17.67 -36.31
CA TYR A 624 6.99 -17.97 -36.56
C TYR A 624 6.70 -17.98 -38.06
N PHE A 625 7.42 -17.14 -38.82
CA PHE A 625 7.28 -16.98 -40.29
C PHE A 625 7.91 -18.18 -41.01
N ALA A 626 9.14 -18.52 -40.66
CA ALA A 626 9.86 -19.65 -41.30
C ALA A 626 9.20 -20.98 -40.92
N HIS A 627 8.63 -21.07 -39.72
CA HIS A 627 7.96 -22.27 -39.17
C HIS A 627 6.62 -22.51 -39.89
N THR A 628 5.76 -21.48 -39.94
CA THR A 628 4.46 -21.55 -40.57
C THR A 628 4.59 -21.69 -42.08
N HIS A 629 5.60 -21.05 -42.69
CA HIS A 629 5.74 -21.18 -44.13
C HIS A 629 6.10 -22.60 -44.52
N LEU A 630 7.18 -23.14 -43.94
CA LEU A 630 7.55 -24.52 -44.19
C LEU A 630 6.37 -25.47 -44.03
N THR A 631 5.83 -25.54 -42.80
CA THR A 631 4.81 -26.52 -42.49
C THR A 631 3.55 -26.34 -43.34
N VAL A 632 2.95 -25.16 -43.28
CA VAL A 632 1.64 -24.98 -43.89
C VAL A 632 1.74 -24.95 -45.40
N THR A 633 2.74 -24.25 -45.95
CA THR A 633 2.84 -24.18 -47.41
C THR A 633 3.15 -25.54 -48.00
N VAL A 634 3.97 -26.36 -47.29
CA VAL A 634 4.18 -27.72 -47.74
C VAL A 634 2.88 -28.51 -47.67
N THR A 635 2.19 -28.37 -46.59
CA THR A 635 0.96 -29.12 -46.40
C THR A 635 -0.10 -28.74 -47.41
N ILE A 636 -0.05 -27.52 -47.94
CA ILE A 636 -1.01 -27.10 -48.95
C ILE A 636 -0.58 -27.58 -50.32
N GLY A 637 0.70 -27.38 -50.65
CA GLY A 637 1.19 -27.81 -51.95
C GLY A 637 1.01 -29.29 -52.17
N LEU A 638 1.40 -30.10 -51.18
CA LEU A 638 1.38 -31.54 -51.35
C LEU A 638 -0.03 -32.08 -51.59
N LEU A 639 -1.06 -31.38 -51.13
CA LEU A 639 -2.43 -31.81 -51.32
C LEU A 639 -3.12 -31.14 -52.49
N LEU A 640 -2.64 -29.96 -52.91
CA LEU A 640 -3.27 -29.16 -54.00
C LEU A 640 -2.55 -29.34 -55.34
N ILE A 641 -1.25 -29.05 -55.36
CA ILE A 641 -0.40 -29.10 -56.58
C ILE A 641 -0.70 -30.32 -57.47
N PRO A 642 -0.62 -31.57 -56.94
CA PRO A 642 -0.79 -32.77 -57.77
C PRO A 642 -2.16 -32.91 -58.45
N LYS A 643 -3.15 -32.12 -58.04
CA LYS A 643 -4.51 -32.20 -58.55
C LYS A 643 -4.75 -31.35 -59.79
N PHE A 644 -3.67 -30.74 -60.31
CA PHE A 644 -3.73 -29.89 -61.52
C PHE A 644 -2.87 -30.52 -62.63
N SER A 645 -2.03 -31.51 -62.28
CA SER A 645 -1.14 -32.20 -63.23
C SER A 645 -1.55 -33.67 -63.35
N GLN B 49 9.52 1.10 36.83
CA GLN B 49 10.32 0.48 37.86
C GLN B 49 10.07 1.12 39.22
N LYS B 50 10.18 2.45 39.27
CA LYS B 50 9.96 3.19 40.54
C LYS B 50 8.46 3.30 40.82
N LEU B 51 7.64 2.53 40.07
CA LEU B 51 6.18 2.54 40.25
C LEU B 51 5.82 1.97 41.62
N ALA B 52 6.54 0.95 42.07
CA ALA B 52 6.29 0.31 43.38
C ALA B 52 6.74 1.24 44.50
N GLU B 53 7.80 2.03 44.26
CA GLU B 53 8.33 2.97 45.26
C GLU B 53 7.40 4.19 45.36
N GLU B 54 6.68 4.49 44.28
CA GLU B 54 5.75 5.65 44.26
C GLU B 54 4.43 5.26 44.93
N VAL B 55 4.15 3.95 45.03
CA VAL B 55 2.90 3.45 45.65
C VAL B 55 3.21 2.95 47.07
N PRO B 56 4.13 3.61 47.77
CA PRO B 56 4.51 3.22 49.15
C PRO B 56 5.10 4.43 49.88
N MET B 57 4.70 5.64 49.48
CA MET B 57 5.19 6.88 50.12
C MET B 57 4.13 7.98 50.00
N ASP B 58 2.86 7.60 50.10
CA ASP B 58 1.74 8.57 50.01
C ASP B 58 0.68 8.22 51.06
N VAL B 59 -0.22 9.17 51.36
CA VAL B 59 -1.29 8.95 52.35
C VAL B 59 -2.61 9.55 51.84
N ALA B 60 -2.57 10.82 51.40
CA ALA B 60 -3.77 11.50 50.87
C ALA B 60 -3.46 12.15 49.52
N SER B 61 -2.26 12.72 49.39
CA SER B 61 -1.83 13.37 48.14
C SER B 61 -1.78 12.34 47.01
N TYR B 62 -1.28 11.14 47.30
CA TYR B 62 -1.18 10.05 46.29
C TYR B 62 -2.50 9.93 45.52
N LEU B 63 -3.63 9.94 46.24
CA LEU B 63 -4.96 9.83 45.61
C LEU B 63 -5.35 11.17 44.97
N TYR B 64 -4.75 12.27 45.47
CA TYR B 64 -5.05 13.62 44.93
C TYR B 64 -4.17 13.90 43.70
N THR B 65 -3.15 13.06 43.49
CA THR B 65 -2.23 13.22 42.33
C THR B 65 -2.62 12.23 41.22
N GLY B 66 -3.61 11.38 41.49
CA GLY B 66 -4.07 10.37 40.50
C GLY B 66 -5.53 10.68 40.10
N ASP B 67 -6.20 11.53 40.88
CA ASP B 67 -7.61 11.89 40.60
C ASP B 67 -7.72 13.41 40.42
N SER B 68 -6.95 14.17 41.19
CA SER B 68 -6.96 15.65 41.12
C SER B 68 -8.25 16.19 41.74
N HIS B 69 -8.72 15.55 42.83
CA HIS B 69 -9.95 15.98 43.52
C HIS B 69 -9.59 16.71 44.82
N GLN B 70 -9.65 18.04 44.80
CA GLN B 70 -9.32 18.86 45.98
C GLN B 70 -10.16 18.55 47.23
N LEU B 71 -11.29 17.83 47.12
CA LEU B 71 -12.22 17.64 48.24
C LEU B 71 -11.66 16.78 49.38
N LYS B 72 -10.75 15.84 49.11
CA LYS B 72 -10.07 15.06 50.15
C LYS B 72 -8.92 15.88 50.74
N ARG B 73 -8.04 16.40 49.88
CA ARG B 73 -6.86 17.19 50.27
C ARG B 73 -7.18 18.36 51.22
N ALA B 74 -8.27 19.09 50.97
CA ALA B 74 -8.71 20.22 51.84
C ALA B 74 -9.14 19.81 53.26
N ASN B 75 -9.42 18.53 53.50
CA ASN B 75 -9.77 17.99 54.83
C ASN B 75 -8.57 17.37 55.55
N CYS B 76 -7.46 17.20 54.83
CA CYS B 76 -6.23 16.61 55.42
C CYS B 76 -5.35 17.71 56.02
N SER B 77 -5.42 17.89 57.34
CA SER B 77 -4.63 18.93 58.04
C SER B 77 -3.13 18.61 57.90
N GLY B 78 -2.32 19.61 57.53
CA GLY B 78 -0.87 19.43 57.37
C GLY B 78 -0.12 20.58 58.06
N ARG B 79 1.00 20.30 58.74
CA ARG B 79 1.82 21.31 59.45
C ARG B 79 2.50 22.23 58.44
N TYR B 80 3.22 21.64 57.49
CA TYR B 80 3.96 22.33 56.41
C TYR B 80 3.63 21.69 55.06
N GLU B 81 4.21 22.21 53.97
CA GLU B 81 3.99 21.71 52.60
C GLU B 81 4.84 20.49 52.31
N LEU B 82 4.41 19.66 51.35
CA LEU B 82 5.11 18.42 50.92
C LEU B 82 5.18 18.40 49.39
N ALA B 83 6.23 17.80 48.82
CA ALA B 83 6.44 17.70 47.36
C ALA B 83 7.03 16.36 46.97
N GLY B 84 6.77 15.90 45.76
CA GLY B 84 7.27 14.62 45.21
C GLY B 84 8.76 14.75 44.87
N LEU B 85 9.63 14.61 45.87
CA LEU B 85 11.11 14.68 45.74
C LEU B 85 11.53 13.89 44.51
N PRO B 86 10.96 12.69 44.35
CA PRO B 86 11.18 11.78 43.21
C PRO B 86 10.33 12.16 42.01
N GLY B 87 10.84 13.03 41.14
CA GLY B 87 10.10 13.47 39.93
C GLY B 87 10.66 12.76 38.69
N LYS B 88 11.23 11.55 38.87
CA LYS B 88 11.83 10.68 37.82
C LYS B 88 12.49 11.49 36.69
N TRP B 89 13.27 12.50 37.08
CA TRP B 89 13.93 13.48 36.19
C TRP B 89 14.13 14.82 36.88
N PRO B 90 14.75 15.78 36.19
CA PRO B 90 15.02 17.16 36.67
C PRO B 90 14.16 18.16 35.90
N ALA B 91 14.21 19.44 36.30
CA ALA B 91 13.46 20.54 35.67
C ALA B 91 14.23 21.19 34.54
N LEU B 92 14.50 20.45 33.48
CA LEU B 92 15.25 20.89 32.28
C LEU B 92 14.72 20.17 31.04
N ALA B 93 13.41 20.22 30.81
CA ALA B 93 12.70 19.57 29.68
C ALA B 93 11.88 20.64 28.93
N SER B 94 11.31 20.25 27.78
CA SER B 94 10.49 21.11 26.89
C SER B 94 9.13 20.44 26.65
N ALA B 95 8.43 20.08 27.72
CA ALA B 95 7.11 19.43 27.68
C ALA B 95 5.98 20.44 27.56
N HIS B 96 6.17 21.62 28.15
CA HIS B 96 5.20 22.75 28.15
C HIS B 96 5.95 24.07 27.93
N PRO B 97 5.44 25.01 27.10
CA PRO B 97 6.14 26.28 26.85
C PRO B 97 6.05 27.24 28.06
N SER B 98 5.06 27.04 28.93
CA SER B 98 4.82 27.86 30.15
C SER B 98 6.15 28.04 30.90
N LEU B 99 6.83 26.93 31.22
CA LEU B 99 8.13 26.92 31.93
C LEU B 99 9.15 27.76 31.15
N HIS B 100 9.08 27.72 29.82
CA HIS B 100 9.96 28.47 28.89
C HIS B 100 9.69 29.97 29.03
N ARG B 101 8.41 30.33 29.09
CA ARG B 101 7.92 31.72 29.24
C ARG B 101 8.35 32.25 30.60
N ALA B 102 8.18 31.47 31.66
CA ALA B 102 8.54 31.91 33.00
C ALA B 102 10.03 31.88 33.25
N LEU B 103 10.80 31.15 32.45
CA LEU B 103 12.24 31.30 32.50
C LEU B 103 12.70 32.53 31.74
N ASP B 104 12.03 32.82 30.62
CA ASP B 104 12.32 33.96 29.72
C ASP B 104 12.09 35.28 30.46
N THR B 105 10.95 35.40 31.15
CA THR B 105 10.54 36.60 31.92
C THR B 105 11.46 36.79 33.14
N LEU B 106 11.99 35.69 33.68
CA LEU B 106 12.87 35.68 34.87
C LEU B 106 14.31 36.06 34.48
N THR B 107 14.80 35.53 33.36
CA THR B 107 16.17 35.76 32.84
C THR B 107 16.28 37.17 32.24
N HIS B 108 15.15 37.76 31.82
CA HIS B 108 15.07 39.12 31.23
C HIS B 108 15.05 40.16 32.36
N ALA B 109 14.47 39.79 33.51
CA ALA B 109 14.35 40.65 34.72
C ALA B 109 15.64 40.57 35.53
N THR B 110 16.34 39.42 35.47
CA THR B 110 17.61 39.15 36.18
C THR B 110 18.78 39.78 35.41
N ASN B 111 18.64 39.92 34.09
CA ASN B 111 19.67 40.51 33.19
C ASN B 111 19.69 42.03 33.39
N PHE B 112 18.55 42.62 33.75
CA PHE B 112 18.35 44.07 33.99
C PHE B 112 18.95 44.48 35.34
N LEU B 113 18.55 43.77 36.40
CA LEU B 113 19.00 44.01 37.81
C LEU B 113 20.51 43.84 37.92
N ASN B 114 21.07 42.82 37.24
CA ASN B 114 22.53 42.49 37.26
C ASN B 114 23.32 43.52 36.46
N VAL B 115 22.69 44.18 35.49
CA VAL B 115 23.34 45.21 34.61
C VAL B 115 23.08 46.63 35.14
N MET B 116 22.13 46.81 36.08
CA MET B 116 21.76 48.12 36.66
C MET B 116 22.57 48.38 37.93
N LEU B 117 22.51 47.46 38.90
CA LEU B 117 23.18 47.54 40.22
C LEU B 117 24.70 47.48 40.07
N GLN B 118 25.20 46.83 39.01
CA GLN B 118 26.64 46.64 38.73
C GLN B 118 27.14 47.64 37.67
N SER B 119 26.32 48.61 37.26
CA SER B 119 26.66 49.64 36.24
C SER B 119 27.47 50.76 36.91
N ASN B 120 28.05 51.66 36.09
CA ASN B 120 28.86 52.82 36.53
C ASN B 120 27.97 53.80 37.27
N LYS B 121 28.51 54.52 38.26
CA LYS B 121 27.78 55.50 39.09
C LYS B 121 26.55 54.88 39.73
N SER B 122 26.72 53.66 40.25
CA SER B 122 25.68 53.01 41.05
C SER B 122 25.83 53.44 42.50
N ARG B 123 25.31 54.63 42.83
CA ARG B 123 25.44 55.15 44.18
C ARG B 123 24.46 54.51 45.16
N GLU B 124 23.24 54.20 44.69
CA GLU B 124 22.24 53.38 45.41
C GLU B 124 21.85 53.99 46.76
N GLN B 125 21.19 55.15 46.71
CA GLN B 125 20.44 55.66 47.86
C GLN B 125 19.14 54.86 48.00
N ASN B 126 19.29 53.65 48.54
CA ASN B 126 18.35 52.55 48.33
C ASN B 126 17.04 52.69 49.09
N LEU B 127 16.91 53.65 49.99
CA LEU B 127 15.70 53.78 50.78
C LEU B 127 14.87 55.00 50.40
N GLN B 128 15.38 55.86 49.53
CA GLN B 128 14.67 57.11 49.23
C GLN B 128 13.58 56.88 48.18
N ASP B 129 13.98 56.50 46.98
CA ASP B 129 13.02 56.38 45.89
C ASP B 129 13.25 55.16 45.00
N ASP B 130 14.28 54.35 45.26
CA ASP B 130 14.51 53.16 44.45
C ASP B 130 13.42 52.12 44.68
N LEU B 131 12.75 52.19 45.83
CA LEU B 131 11.73 51.22 46.21
C LEU B 131 10.56 51.23 45.23
N ASP B 132 10.26 52.42 44.71
CA ASP B 132 9.18 52.65 43.71
C ASP B 132 9.54 51.87 42.45
N TRP B 133 10.80 51.93 42.02
CA TRP B 133 11.31 51.24 40.85
C TRP B 133 11.26 49.73 41.04
N TYR B 134 11.72 49.26 42.19
CA TYR B 134 11.73 47.82 42.44
C TYR B 134 10.33 47.26 42.55
N GLN B 135 9.40 48.04 43.08
CA GLN B 135 8.00 47.61 43.17
C GLN B 135 7.36 47.48 41.80
N ALA B 136 7.60 48.47 40.93
CA ALA B 136 7.15 48.36 39.55
C ALA B 136 7.80 47.19 38.84
N LEU B 137 9.05 46.89 39.23
CA LEU B 137 9.88 45.80 38.66
C LEU B 137 9.25 44.44 38.96
N VAL B 138 8.82 44.18 40.21
CA VAL B 138 8.28 42.87 40.59
C VAL B 138 6.83 42.73 40.14
N TRP B 139 6.09 43.83 40.26
CA TRP B 139 4.65 43.86 39.85
C TRP B 139 4.54 43.50 38.37
N SER B 140 5.49 43.98 37.56
CA SER B 140 5.50 43.73 36.09
C SER B 140 6.08 42.35 35.79
N LEU B 141 6.71 41.70 36.78
CA LEU B 141 7.34 40.36 36.60
C LEU B 141 6.24 39.30 36.50
N LEU B 142 5.07 39.55 37.11
CA LEU B 142 3.95 38.58 37.10
C LEU B 142 2.75 39.16 36.33
N GLU B 143 2.86 40.40 35.86
CA GLU B 143 1.74 41.05 35.12
C GLU B 143 1.98 40.92 33.61
N GLY B 144 2.89 40.02 33.21
CA GLY B 144 3.21 39.82 31.78
C GLY B 144 2.72 38.48 31.28
N GLU B 145 2.97 37.41 32.05
CA GLU B 145 2.55 36.04 31.67
C GLU B 145 1.19 35.74 32.30
N PRO B 146 0.53 34.66 31.86
CA PRO B 146 -0.82 34.32 32.37
C PRO B 146 -0.78 33.34 33.54
N SER B 147 0.28 32.52 33.65
CA SER B 147 0.36 31.52 34.73
C SER B 147 1.60 31.68 35.63
N ILE B 148 1.58 32.67 36.51
CA ILE B 148 2.62 32.85 37.52
C ILE B 148 1.89 33.40 38.74
N SER B 149 2.10 32.78 39.89
CA SER B 149 1.22 33.00 41.04
C SER B 149 1.78 33.99 42.04
N ARG B 150 3.04 33.86 42.43
CA ARG B 150 3.66 34.82 43.33
C ARG B 150 5.05 35.14 42.80
N ALA B 151 5.52 36.33 43.13
CA ALA B 151 6.81 36.77 42.59
C ALA B 151 7.44 37.71 43.61
N ALA B 152 8.72 37.52 43.88
CA ALA B 152 9.30 38.30 44.96
C ALA B 152 10.79 38.43 44.78
N ILE B 153 11.32 39.53 45.29
CA ILE B 153 12.75 39.83 45.20
C ILE B 153 13.22 40.32 46.56
N THR B 154 14.36 39.77 47.00
CA THR B 154 14.97 40.12 48.31
C THR B 154 16.40 40.61 48.04
N PHE B 155 16.79 41.72 48.66
CA PHE B 155 18.11 42.27 48.40
C PHE B 155 18.69 42.90 49.66
N SER B 156 20.01 42.90 49.79
CA SER B 156 20.72 43.62 50.84
C SER B 156 21.81 44.46 50.15
N THR B 157 21.42 45.64 49.70
CA THR B 157 22.33 46.53 48.98
C THR B 157 22.13 47.98 49.43
N GLN B 166 17.14 42.43 55.91
CA GLN B 166 17.45 43.08 54.64
C GLN B 166 16.21 43.80 54.10
N VAL B 167 16.16 43.97 52.78
CA VAL B 167 14.99 44.53 52.13
C VAL B 167 14.39 43.46 51.23
N PHE B 168 13.09 43.53 51.02
CA PHE B 168 12.39 42.53 50.22
C PHE B 168 11.07 43.12 49.77
N LEU B 169 10.55 42.61 48.66
CA LEU B 169 9.18 42.91 48.26
C LEU B 169 8.59 41.70 47.54
N GLN B 170 7.26 41.65 47.53
CA GLN B 170 6.56 40.52 46.91
C GLN B 170 5.28 41.02 46.29
N ALA B 171 4.73 40.20 45.41
CA ALA B 171 3.43 40.50 44.83
C ALA B 171 2.77 39.19 44.43
N THR B 172 1.45 39.16 44.53
CA THR B 172 0.71 37.93 44.26
C THR B 172 -0.61 38.25 43.56
N ARG B 173 -0.93 37.43 42.57
CA ARG B 173 -2.20 37.55 41.87
C ARG B 173 -3.30 36.96 42.75
N GLU B 174 -3.97 37.80 43.53
CA GLU B 174 -4.83 37.32 44.62
C GLU B 174 -6.11 36.67 44.09
N GLU B 175 -7.00 37.47 43.49
CA GLU B 175 -8.11 36.93 42.72
C GLU B 175 -8.11 37.44 41.30
N SER B 176 -8.13 38.75 41.11
CA SER B 176 -7.85 39.37 39.82
C SER B 176 -7.04 40.65 39.97
N ARG B 177 -6.94 41.19 41.19
CA ARG B 177 -6.14 42.36 41.46
C ARG B 177 -4.82 41.95 42.08
N ILE B 178 -3.74 42.23 41.37
CA ILE B 178 -2.40 41.85 41.80
C ILE B 178 -1.99 42.67 43.01
N LEU B 179 -2.00 42.05 44.18
CA LEU B 179 -1.61 42.76 45.39
C LEU B 179 -0.08 42.86 45.45
N LEU B 180 0.42 43.99 45.94
CA LEU B 180 1.84 44.24 46.03
C LEU B 180 2.19 44.63 47.45
N GLN B 181 3.04 43.85 48.11
CA GLN B 181 3.34 44.04 49.51
C GLN B 181 4.84 44.06 49.75
N ASP B 182 5.21 44.53 50.94
CA ASP B 182 6.60 44.55 51.38
C ASP B 182 6.78 43.72 52.64
N PRO B 188 14.62 31.15 52.95
CA PRO B 188 14.30 29.75 53.15
C PRO B 188 15.24 28.84 52.38
N HIS B 189 14.67 27.79 51.80
CA HIS B 189 15.48 26.78 51.15
C HIS B 189 16.28 27.34 49.98
N LEU B 190 15.62 28.13 49.14
CA LEU B 190 16.28 28.62 47.93
C LEU B 190 17.41 29.58 48.25
N ALA B 191 17.15 30.54 49.15
CA ALA B 191 18.19 31.51 49.52
C ALA B 191 19.34 30.81 50.24
N ASN B 192 19.02 29.83 51.08
CA ASN B 192 20.08 29.10 51.80
C ASN B 192 20.95 28.31 50.83
N ALA B 193 20.33 27.60 49.88
CA ALA B 193 21.09 26.84 48.90
C ALA B 193 21.88 27.78 47.99
N THR B 194 21.35 28.98 47.75
CA THR B 194 22.07 29.96 46.96
C THR B 194 23.31 30.47 47.69
N LEU B 195 23.19 30.66 49.00
CA LEU B 195 24.38 31.00 49.78
C LEU B 195 25.37 29.83 49.78
N GLU B 196 24.85 28.60 49.78
CA GLU B 196 25.72 27.43 49.77
C GLU B 196 26.52 27.35 48.47
N THR B 197 25.85 27.47 47.34
CA THR B 197 26.50 27.35 46.05
C THR B 197 27.52 28.46 45.84
N HIS B 239 24.07 32.00 37.54
CA HIS B 239 23.46 30.86 36.81
C HIS B 239 22.03 30.64 37.31
N PHE B 240 21.27 29.79 36.61
CA PHE B 240 19.86 29.44 36.91
C PHE B 240 19.83 28.32 37.96
N LYS B 241 18.74 28.26 38.74
CA LYS B 241 18.51 27.25 39.80
C LYS B 241 17.02 26.92 39.87
N TRP B 242 16.62 25.78 39.30
CA TRP B 242 15.24 25.31 39.27
C TRP B 242 14.95 24.52 40.54
N SER B 243 13.81 23.82 40.54
CA SER B 243 13.39 23.00 41.70
C SER B 243 12.49 21.86 41.24
N PRO B 244 12.06 21.00 42.16
CA PRO B 244 11.18 19.86 41.83
C PRO B 244 9.71 20.27 42.01
N PRO B 245 8.78 19.33 41.81
CA PRO B 245 7.32 19.54 41.95
C PRO B 245 6.99 19.52 43.45
N TYR B 246 6.20 20.48 43.94
CA TYR B 246 5.92 20.49 45.39
C TYR B 246 4.57 21.12 45.73
N LEU B 247 3.87 20.56 46.72
CA LEU B 247 2.56 21.08 47.16
C LEU B 247 2.75 22.02 48.35
N GLU B 248 2.13 23.21 48.28
CA GLU B 248 2.25 24.21 49.36
C GLU B 248 1.11 24.02 50.38
N CYS B 249 1.15 24.76 51.49
CA CYS B 249 0.12 24.66 52.54
C CYS B 249 0.46 25.52 53.74
N GLU B 250 -0.53 26.26 54.27
CA GLU B 250 -0.32 27.14 55.44
C GLU B 250 -1.57 27.67 56.13
N ASN B 251 -1.86 27.16 57.34
CA ASN B 251 -3.15 27.43 58.01
C ASN B 251 -4.30 26.96 57.15
N GLY B 252 -3.94 26.22 56.10
CA GLY B 252 -4.84 25.57 55.13
C GLY B 252 -4.66 24.06 55.36
N SER B 253 -4.92 23.28 54.33
CA SER B 253 -4.56 21.85 54.27
C SER B 253 -3.37 21.80 53.30
N TYR B 254 -3.01 20.65 52.75
CA TYR B 254 -2.00 20.72 51.68
C TYR B 254 -2.71 21.52 50.59
N LYS B 255 -2.35 22.79 50.31
CA LYS B 255 -2.98 23.63 49.26
C LYS B 255 -3.10 22.79 47.97
N PRO B 256 -4.26 22.86 47.29
CA PRO B 256 -4.63 22.05 46.12
C PRO B 256 -4.05 22.69 44.85
N GLY B 257 -2.72 22.73 44.74
CA GLY B 257 -2.03 23.32 43.57
C GLY B 257 -0.56 22.88 43.55
N TRP B 258 -0.08 22.42 42.39
CA TRP B 258 1.31 21.96 42.24
C TRP B 258 2.18 23.16 41.80
N LEU B 259 3.09 23.58 42.67
CA LEU B 259 3.99 24.73 42.46
C LEU B 259 5.38 24.26 42.04
N VAL B 260 6.13 25.14 41.36
CA VAL B 260 7.58 24.97 41.15
C VAL B 260 8.31 26.27 41.48
N THR B 261 9.38 26.17 42.28
CA THR B 261 10.28 27.28 42.56
C THR B 261 11.31 27.42 41.45
N LEU B 262 11.40 28.62 40.89
CA LEU B 262 12.52 29.10 40.10
C LEU B 262 13.36 30.09 40.93
N SER B 263 14.68 29.94 40.93
CA SER B 263 15.57 30.79 41.74
C SER B 263 16.80 31.24 40.94
N SER B 264 17.23 32.48 41.21
CA SER B 264 18.39 33.14 40.58
C SER B 264 19.12 34.02 41.60
N ALA B 265 20.26 34.59 41.22
CA ALA B 265 21.10 35.47 42.06
C ALA B 265 21.49 36.73 41.26
N ILE B 266 22.16 37.68 41.92
CA ILE B 266 22.61 38.96 41.33
C ILE B 266 24.02 39.29 41.86
N TYR B 267 24.63 40.36 41.34
CA TYR B 267 25.99 40.84 41.71
C TYR B 267 26.08 42.35 41.45
N GLU B 276 29.85 36.10 44.18
CA GLU B 276 28.99 36.94 45.04
C GLU B 276 27.54 36.43 44.98
N PHE B 277 26.74 36.76 45.99
CA PHE B 277 25.32 36.37 46.12
C PHE B 277 24.59 37.37 47.02
N ARG B 278 24.25 38.54 46.48
CA ARG B 278 23.54 39.64 47.18
C ARG B 278 22.20 39.91 46.49
N GLY B 279 21.27 38.96 46.59
CA GLY B 279 19.92 39.04 45.99
C GLY B 279 19.35 37.66 45.72
N VAL B 280 18.02 37.57 45.54
CA VAL B 280 17.28 36.31 45.28
C VAL B 280 15.89 36.63 44.73
N MET B 281 15.72 36.49 43.41
CA MET B 281 14.48 36.73 42.70
C MET B 281 13.85 35.38 42.42
N LYS B 282 12.54 35.29 42.60
CA LYS B 282 11.91 34.00 42.43
C LYS B 282 10.53 34.16 41.83
N VAL B 283 10.25 33.32 40.85
CA VAL B 283 8.91 33.17 40.31
C VAL B 283 8.46 31.77 40.67
N ASP B 284 7.16 31.64 40.98
CA ASP B 284 6.55 30.33 41.34
C ASP B 284 5.61 29.89 40.21
N ILE B 285 6.17 29.40 39.10
CA ILE B 285 5.36 28.94 37.94
C ILE B 285 4.29 27.96 38.44
N ASN B 286 3.02 28.23 38.10
CA ASN B 286 1.90 27.35 38.52
C ASN B 286 1.82 26.13 37.59
N LEU B 287 2.53 25.06 37.95
CA LEU B 287 2.55 23.81 37.13
C LEU B 287 1.41 22.90 37.57
N GLN B 288 0.16 23.36 37.39
CA GLN B 288 -1.03 22.55 37.78
C GLN B 288 -1.83 22.20 36.51
N LYS B 289 -1.84 23.10 35.53
CA LYS B 289 -2.57 22.95 34.24
C LYS B 289 -1.57 22.58 33.15
N VAL B 290 -0.79 21.52 33.37
CA VAL B 290 0.24 21.01 32.41
C VAL B 290 0.03 19.50 32.22
N ASP B 291 -0.47 19.05 31.05
CA ASP B 291 -0.72 17.63 30.74
C ASP B 291 0.61 16.87 30.73
N ILE B 292 0.60 15.59 31.11
CA ILE B 292 1.79 14.75 31.20
C ILE B 292 1.52 13.46 30.46
N ASP B 293 2.56 12.98 29.77
CA ASP B 293 2.54 11.75 28.93
C ASP B 293 3.32 10.63 29.61
N GLN B 294 2.60 9.72 30.26
CA GLN B 294 3.16 8.55 30.99
C GLN B 294 3.75 7.54 29.99
N CYS B 295 3.38 7.67 28.71
CA CYS B 295 3.89 6.81 27.64
C CYS B 295 4.59 7.68 26.58
N SER B 296 5.47 8.58 27.02
CA SER B 296 6.30 9.43 26.12
C SER B 296 7.76 8.96 26.20
N SER B 297 8.52 9.13 25.11
CA SER B 297 9.96 8.74 25.01
C SER B 297 10.80 9.61 25.94
N ASP B 298 10.38 10.87 26.14
CA ASP B 298 11.04 11.88 27.00
C ASP B 298 9.97 12.85 27.52
N GLY B 299 9.45 12.70 28.77
CA GLY B 299 8.41 13.49 29.46
C GLY B 299 8.44 13.20 30.97
N TRP B 300 7.79 14.04 31.77
CA TRP B 300 7.69 13.87 33.25
C TRP B 300 6.92 12.58 33.52
N PHE B 301 7.42 11.75 34.45
CA PHE B 301 6.86 10.42 34.78
C PHE B 301 6.63 9.65 33.48
N SER B 302 7.73 9.29 32.80
CA SER B 302 7.73 8.55 31.52
C SER B 302 8.14 7.09 31.79
N GLY B 303 7.20 6.27 32.30
CA GLY B 303 7.44 4.85 32.63
C GLY B 303 6.29 3.96 32.16
N THR B 304 5.73 3.10 33.03
CA THR B 304 4.60 2.17 32.72
C THR B 304 3.96 1.69 34.04
N HIS B 305 2.93 2.40 34.52
CA HIS B 305 2.22 2.08 35.79
C HIS B 305 1.91 0.59 35.85
N LYS B 306 1.08 0.09 34.91
CA LYS B 306 0.70 -1.35 34.82
C LYS B 306 0.26 -1.73 33.40
N CYS B 307 0.96 -1.27 32.37
CA CYS B 307 0.63 -1.59 30.97
C CYS B 307 1.88 -2.16 30.31
N HIS B 308 1.85 -3.48 30.09
CA HIS B 308 2.95 -4.23 29.44
C HIS B 308 2.79 -4.11 27.92
N LEU B 309 3.83 -3.62 27.25
CA LEU B 309 3.81 -3.43 25.78
C LEU B 309 3.97 -4.74 25.01
N ASN B 310 4.08 -5.88 25.71
CA ASN B 310 4.22 -7.16 25.03
C ASN B 310 3.12 -7.36 24.00
N ASN B 311 1.92 -6.84 24.27
CA ASN B 311 0.77 -7.10 23.43
C ASN B 311 -0.12 -5.86 23.29
N SER B 312 0.39 -4.68 23.65
CA SER B 312 -0.48 -3.53 23.88
C SER B 312 0.22 -2.22 23.54
N GLU B 313 -0.57 -1.16 23.49
CA GLU B 313 -0.10 0.19 23.21
C GLU B 313 -0.82 1.19 24.09
N CYS B 314 -0.06 2.09 24.71
CA CYS B 314 -0.68 3.23 25.35
C CYS B 314 -1.28 4.16 24.32
N MET B 315 -2.14 5.04 24.79
CA MET B 315 -2.75 6.06 23.95
C MET B 315 -3.19 7.18 24.86
N PRO B 316 -2.35 8.23 25.05
CA PRO B 316 -2.68 9.35 25.94
C PRO B 316 -3.87 10.19 25.45
N ILE B 317 -4.42 11.02 26.34
CA ILE B 317 -5.57 11.93 26.07
C ILE B 317 -5.08 13.38 26.17
N LYS B 318 -5.97 14.34 25.84
CA LYS B 318 -5.68 15.80 25.86
C LYS B 318 -6.77 16.53 26.64
N GLY B 319 -6.65 16.60 27.97
CA GLY B 319 -7.61 17.28 28.85
C GLY B 319 -7.21 17.18 30.32
N LEU B 320 -8.16 17.43 31.23
CA LEU B 320 -7.95 17.37 32.69
C LEU B 320 -6.77 18.26 33.11
N GLY B 321 -5.93 17.76 34.02
CA GLY B 321 -4.75 18.51 34.51
C GLY B 321 -3.64 17.52 34.88
N PHE B 322 -2.58 18.01 35.53
CA PHE B 322 -1.43 17.20 36.00
C PHE B 322 -2.14 16.15 36.87
N VAL B 323 -2.12 14.89 36.44
CA VAL B 323 -2.71 13.74 37.18
C VAL B 323 -2.15 12.46 36.57
N LEU B 324 -1.55 11.57 37.39
CA LEU B 324 -0.96 10.28 36.94
C LEU B 324 -2.12 9.34 36.61
N GLY B 325 -1.87 8.36 35.72
CA GLY B 325 -2.86 7.38 35.28
C GLY B 325 -3.84 8.00 34.30
N ALA B 326 -3.42 9.00 33.53
CA ALA B 326 -4.27 9.67 32.52
C ALA B 326 -4.02 8.99 31.18
N TYR B 327 -4.24 7.68 31.07
CA TYR B 327 -3.98 6.92 29.82
C TYR B 327 -4.99 5.79 29.66
N GLU B 328 -5.38 5.52 28.40
CA GLU B 328 -6.33 4.43 28.03
C GLU B 328 -5.54 3.43 27.18
N CYS B 329 -5.10 2.32 27.78
CA CYS B 329 -4.26 1.36 27.09
C CYS B 329 -5.07 0.56 26.09
N ILE B 330 -4.40 0.13 25.04
CA ILE B 330 -5.02 -0.58 23.93
C ILE B 330 -4.28 -1.88 23.71
N CYS B 331 -5.03 -2.97 23.74
CA CYS B 331 -4.50 -4.32 23.57
C CYS B 331 -4.76 -4.73 22.13
N LYS B 332 -3.68 -5.01 21.39
CA LYS B 332 -3.71 -5.45 19.97
C LYS B 332 -3.59 -6.97 19.91
N ALA B 333 -4.14 -7.59 18.86
CA ALA B 333 -4.14 -9.05 18.64
C ALA B 333 -4.95 -9.74 19.75
N GLY B 334 -5.62 -8.95 20.59
CA GLY B 334 -6.43 -9.48 21.70
C GLY B 334 -7.53 -8.51 22.11
N PHE B 335 -8.09 -8.70 23.31
CA PHE B 335 -9.17 -7.87 23.89
C PHE B 335 -8.87 -7.58 25.36
N TYR B 336 -9.60 -6.63 25.96
CA TYR B 336 -9.46 -6.20 27.36
C TYR B 336 -10.61 -6.78 28.21
N HIS B 337 -10.50 -6.70 29.53
CA HIS B 337 -11.50 -7.20 30.50
C HIS B 337 -12.72 -6.27 30.52
N PRO B 338 -13.91 -6.81 30.25
CA PRO B 338 -15.15 -6.02 30.23
C PRO B 338 -16.14 -6.59 31.25
N ALA B 366 -8.98 -3.66 36.87
CA ALA B 366 -8.20 -2.74 36.00
C ALA B 366 -8.24 -3.24 34.56
N TYR B 367 -8.00 -2.34 33.60
CA TYR B 367 -8.01 -2.70 32.16
C TYR B 367 -6.65 -3.29 31.76
N VAL B 368 -6.63 -4.56 31.37
CA VAL B 368 -5.43 -5.29 30.96
C VAL B 368 -5.83 -6.22 29.82
N CYS B 369 -4.86 -7.01 29.33
CA CYS B 369 -4.96 -7.61 28.01
C CYS B 369 -5.19 -9.11 28.05
N LEU B 370 -5.67 -9.68 26.94
CA LEU B 370 -5.94 -11.14 26.86
C LEU B 370 -5.48 -11.71 25.51
N PRO B 371 -4.84 -12.92 25.47
CA PRO B 371 -4.44 -13.53 24.19
C PRO B 371 -5.77 -13.93 23.53
N CYS B 372 -5.93 -13.71 22.22
CA CYS B 372 -7.25 -13.92 21.55
C CYS B 372 -7.45 -15.40 21.19
N ARG B 373 -8.63 -15.72 20.64
CA ARG B 373 -8.99 -17.10 20.25
C ARG B 373 -8.22 -17.53 18.99
N GLU B 374 -8.16 -18.84 18.72
CA GLU B 374 -7.44 -19.44 17.57
C GLU B 374 -7.77 -18.71 16.25
N GLY B 375 -6.80 -18.06 15.58
CA GLY B 375 -6.99 -17.38 14.28
C GLY B 375 -8.19 -16.47 14.08
N CYS B 376 -8.43 -15.55 15.02
CA CYS B 376 -9.55 -14.57 15.03
C CYS B 376 -8.97 -13.25 15.56
N PRO B 377 -8.59 -12.27 14.70
CA PRO B 377 -7.89 -11.06 15.15
C PRO B 377 -8.69 -9.97 15.88
N PHE B 378 -10.00 -9.83 15.62
CA PHE B 378 -10.89 -8.83 16.27
C PHE B 378 -11.95 -9.56 17.12
N CYS B 379 -11.60 -9.92 18.37
CA CYS B 379 -12.45 -10.67 19.28
C CYS B 379 -13.35 -9.79 20.15
N ALA B 380 -14.49 -9.39 19.60
CA ALA B 380 -15.44 -8.57 20.35
C ALA B 380 -15.87 -9.27 21.62
N ASP B 381 -15.93 -10.59 21.58
CA ASP B 381 -15.94 -11.44 22.74
C ASP B 381 -14.75 -12.39 22.62
N ASP B 382 -14.32 -12.93 23.75
CA ASP B 382 -13.31 -13.98 23.74
C ASP B 382 -13.97 -15.34 23.63
N SER B 383 -14.85 -15.45 22.64
CA SER B 383 -15.53 -16.66 22.24
C SER B 383 -14.95 -17.16 20.92
N PRO B 384 -15.23 -18.41 20.56
CA PRO B 384 -14.57 -19.03 19.42
C PRO B 384 -15.31 -18.85 18.10
N CYS B 385 -14.54 -18.92 17.02
CA CYS B 385 -15.02 -18.68 15.67
C CYS B 385 -15.09 -19.93 14.83
N PHE B 386 -14.17 -20.86 15.07
CA PHE B 386 -14.13 -22.14 14.33
C PHE B 386 -15.38 -22.96 14.67
N VAL B 387 -16.38 -22.97 13.78
CA VAL B 387 -17.83 -23.18 14.13
C VAL B 387 -18.02 -24.61 14.66
N GLN B 388 -18.99 -24.80 15.57
CA GLN B 388 -19.29 -26.12 16.19
C GLN B 388 -19.52 -27.16 15.08
N GLU B 389 -18.93 -28.35 15.18
CA GLU B 389 -19.06 -29.43 14.16
C GLU B 389 -19.36 -30.76 14.85
N ASP B 390 -20.60 -31.25 14.70
CA ASP B 390 -21.06 -32.51 15.27
C ASP B 390 -20.19 -33.65 14.78
N LYS B 391 -19.85 -34.55 15.70
CA LYS B 391 -19.04 -35.71 15.38
C LYS B 391 -19.86 -36.99 15.26
N TYR B 392 -20.97 -37.09 15.99
CA TYR B 392 -21.82 -38.26 15.96
C TYR B 392 -22.71 -38.33 14.73
N LEU B 393 -22.55 -37.38 13.80
CA LEU B 393 -23.10 -37.45 12.46
C LEU B 393 -22.04 -37.87 11.46
N ARG B 394 -20.90 -37.19 11.54
CA ARG B 394 -19.71 -37.40 10.67
C ARG B 394 -19.27 -38.87 10.77
N LEU B 395 -19.30 -39.45 11.98
CA LEU B 395 -18.87 -40.83 12.17
C LEU B 395 -19.84 -41.80 11.50
N ALA B 396 -21.14 -41.54 11.63
CA ALA B 396 -22.14 -42.36 10.94
C ALA B 396 -21.95 -42.30 9.44
N ILE B 397 -21.68 -41.11 8.92
CA ILE B 397 -21.50 -40.92 7.48
C ILE B 397 -20.35 -41.77 6.99
N ILE B 398 -19.18 -41.62 7.61
CA ILE B 398 -18.00 -42.37 7.19
C ILE B 398 -18.24 -43.86 7.35
N SER B 399 -18.99 -44.25 8.39
CA SER B 399 -19.29 -45.65 8.60
C SER B 399 -20.08 -46.23 7.44
N PHE B 400 -21.16 -45.54 7.07
CA PHE B 400 -22.01 -46.05 5.98
C PHE B 400 -21.24 -46.07 4.67
N GLN B 401 -20.41 -45.06 4.43
CA GLN B 401 -19.62 -45.03 3.19
C GLN B 401 -18.65 -46.19 3.13
N ALA B 402 -17.90 -46.43 4.21
CA ALA B 402 -16.94 -47.53 4.21
C ALA B 402 -17.65 -48.87 4.09
N LEU B 403 -18.85 -48.98 4.68
CA LEU B 403 -19.64 -50.18 4.50
C LEU B 403 -19.97 -50.40 3.04
N CYS B 404 -20.35 -49.34 2.34
CA CYS B 404 -20.68 -49.49 0.93
C CYS B 404 -19.44 -49.84 0.09
N MET B 405 -18.29 -49.28 0.46
CA MET B 405 -17.05 -49.65 -0.23
C MET B 405 -16.74 -51.13 -0.08
N LEU B 406 -16.79 -51.62 1.17
CA LEU B 406 -16.51 -53.02 1.43
C LEU B 406 -17.49 -53.92 0.69
N LEU B 407 -18.75 -53.49 0.66
CA LEU B 407 -19.85 -54.20 -0.04
C LEU B 407 -19.57 -54.18 -1.55
N ASP B 408 -18.92 -53.12 -2.03
CA ASP B 408 -18.54 -52.92 -3.45
C ASP B 408 -17.37 -53.84 -3.78
N PHE B 409 -16.42 -53.98 -2.85
CA PHE B 409 -15.21 -54.83 -2.98
C PHE B 409 -15.64 -56.30 -3.02
N VAL B 410 -16.53 -56.70 -2.10
CA VAL B 410 -17.10 -58.08 -1.99
C VAL B 410 -18.07 -58.30 -3.15
N SER B 411 -18.55 -57.21 -3.76
CA SER B 411 -19.35 -57.29 -5.00
C SER B 411 -18.43 -57.66 -6.18
N MET B 412 -17.17 -57.22 -6.11
CA MET B 412 -16.13 -57.49 -7.14
C MET B 412 -15.69 -58.95 -7.06
N LEU B 413 -15.37 -59.42 -5.84
CA LEU B 413 -14.93 -60.80 -5.60
C LEU B 413 -16.02 -61.81 -5.97
N VAL B 414 -17.28 -61.48 -5.67
CA VAL B 414 -18.39 -62.36 -6.03
C VAL B 414 -18.43 -62.59 -7.52
N VAL B 415 -18.33 -61.49 -8.26
CA VAL B 415 -18.32 -61.46 -9.76
C VAL B 415 -17.15 -62.34 -10.22
N TYR B 416 -16.03 -62.29 -9.50
CA TYR B 416 -14.85 -63.10 -9.82
C TYR B 416 -15.05 -64.56 -9.44
N HIS B 417 -16.03 -64.87 -8.60
CA HIS B 417 -16.43 -66.26 -8.40
C HIS B 417 -17.36 -66.73 -9.52
N PHE B 418 -18.28 -65.87 -9.96
CA PHE B 418 -19.22 -66.22 -11.02
C PHE B 418 -18.67 -65.73 -12.36
N ARG B 419 -17.50 -66.25 -12.70
CA ARG B 419 -16.98 -66.11 -14.06
C ARG B 419 -17.79 -66.92 -15.07
N LYS B 420 -18.68 -67.79 -14.61
CA LYS B 420 -19.44 -68.70 -15.45
C LYS B 420 -20.91 -68.47 -15.16
N ALA B 421 -21.65 -68.06 -16.18
CA ALA B 421 -23.09 -67.89 -16.06
C ALA B 421 -23.67 -67.75 -17.46
N LYS B 422 -24.97 -67.48 -17.52
CA LYS B 422 -25.61 -67.08 -18.77
C LYS B 422 -25.86 -65.59 -18.86
N SER B 423 -25.59 -64.84 -17.78
CA SER B 423 -25.81 -63.40 -17.79
C SER B 423 -24.63 -62.65 -18.40
N ILE B 424 -23.40 -63.02 -18.03
CA ILE B 424 -22.23 -62.25 -18.44
C ILE B 424 -22.00 -62.26 -19.94
N ARG B 425 -22.62 -63.19 -20.68
CA ARG B 425 -22.40 -63.26 -22.11
C ARG B 425 -22.83 -61.97 -22.79
N ALA B 426 -23.86 -61.31 -22.25
CA ALA B 426 -24.26 -60.01 -22.74
C ALA B 426 -23.32 -58.92 -22.22
N SER B 427 -23.16 -58.85 -20.91
CA SER B 427 -22.30 -57.88 -20.26
C SER B 427 -21.05 -58.59 -19.73
N GLY B 428 -19.94 -58.39 -20.43
CA GLY B 428 -18.72 -59.10 -20.10
C GLY B 428 -18.26 -58.86 -18.68
N LEU B 429 -17.28 -59.67 -18.27
CA LEU B 429 -16.67 -59.67 -16.90
C LEU B 429 -15.80 -58.42 -16.71
N ILE B 430 -15.02 -58.07 -17.73
CA ILE B 430 -14.01 -56.98 -17.61
C ILE B 430 -14.72 -55.62 -17.50
N LEU B 431 -15.90 -55.49 -18.12
CA LEU B 431 -16.72 -54.26 -18.13
C LEU B 431 -17.31 -54.01 -16.73
N LEU B 432 -17.85 -55.06 -16.08
CA LEU B 432 -18.47 -54.95 -14.78
C LEU B 432 -17.43 -54.68 -13.70
N GLU B 433 -16.29 -55.36 -13.75
CA GLU B 433 -15.25 -55.09 -12.76
C GLU B 433 -14.71 -53.68 -12.90
N THR B 434 -14.74 -53.18 -14.15
CA THR B 434 -14.31 -51.81 -14.48
C THR B 434 -15.28 -50.82 -13.84
N ILE B 435 -16.60 -51.07 -13.92
CA ILE B 435 -17.63 -50.24 -13.31
C ILE B 435 -17.50 -50.25 -11.81
N LEU B 436 -17.23 -51.42 -11.23
CA LEU B 436 -17.19 -51.51 -9.78
C LEU B 436 -15.95 -50.84 -9.21
N PHE B 437 -14.82 -50.92 -9.93
CA PHE B 437 -13.64 -50.21 -9.47
C PHE B 437 -13.82 -48.70 -9.58
N GLY B 438 -14.49 -48.25 -10.65
CA GLY B 438 -14.80 -46.84 -10.76
C GLY B 438 -15.70 -46.37 -9.64
N SER B 439 -16.73 -47.15 -9.33
CA SER B 439 -17.62 -46.81 -8.22
C SER B 439 -16.86 -46.70 -6.91
N LEU B 440 -16.00 -47.69 -6.64
CA LEU B 440 -15.17 -47.80 -5.42
C LEU B 440 -14.42 -46.48 -5.18
N LEU B 441 -13.80 -45.93 -6.23
CA LEU B 441 -13.02 -44.67 -6.11
C LEU B 441 -13.95 -43.46 -6.11
N LEU B 442 -15.15 -43.58 -6.69
CA LEU B 442 -16.16 -42.50 -6.81
C LEU B 442 -16.69 -42.13 -5.41
N TYR B 443 -16.61 -43.07 -4.45
CA TYR B 443 -17.09 -42.89 -3.05
C TYR B 443 -16.16 -41.92 -2.30
N PHE B 444 -14.88 -41.83 -2.69
CA PHE B 444 -13.83 -41.01 -2.04
C PHE B 444 -14.34 -39.64 -1.55
N PRO B 445 -14.95 -38.74 -2.37
CA PRO B 445 -15.40 -37.42 -1.88
C PRO B 445 -16.06 -37.32 -0.50
N VAL B 446 -16.91 -38.29 -0.14
CA VAL B 446 -17.62 -38.28 1.17
C VAL B 446 -16.63 -38.44 2.34
N VAL B 447 -15.51 -39.13 2.14
CA VAL B 447 -14.50 -39.40 3.21
C VAL B 447 -13.42 -38.31 3.21
N ILE B 448 -13.12 -37.69 2.07
CA ILE B 448 -12.13 -36.62 1.95
C ILE B 448 -12.57 -35.40 2.73
N LEU B 449 -13.87 -35.10 2.73
CA LEU B 449 -14.36 -33.87 3.32
C LEU B 449 -14.51 -33.97 4.84
N TYR B 450 -14.46 -35.20 5.35
CA TYR B 450 -14.54 -35.44 6.81
C TYR B 450 -13.26 -34.91 7.46
N PHE B 451 -12.15 -34.85 6.71
CA PHE B 451 -10.86 -34.44 7.21
C PHE B 451 -10.68 -32.93 7.09
N GLU B 452 -9.65 -32.42 7.76
CA GLU B 452 -9.34 -31.00 7.65
C GLU B 452 -8.88 -30.69 6.23
N PRO B 453 -9.50 -29.72 5.55
CA PRO B 453 -9.17 -29.44 4.15
C PRO B 453 -7.76 -28.87 4.00
N SER B 454 -7.01 -29.43 3.06
CA SER B 454 -5.68 -28.97 2.70
C SER B 454 -5.64 -28.75 1.20
N THR B 455 -4.42 -28.51 0.70
CA THR B 455 -4.17 -28.27 -0.75
C THR B 455 -4.12 -29.60 -1.49
N PHE B 456 -3.58 -30.66 -0.85
CA PHE B 456 -3.47 -31.98 -1.47
C PHE B 456 -4.81 -32.66 -1.62
N ARG B 457 -5.79 -32.26 -0.79
CA ARG B 457 -7.13 -32.86 -0.69
C ARG B 457 -8.03 -32.48 -1.88
N CYS B 458 -8.23 -31.18 -2.13
CA CYS B 458 -9.13 -30.71 -3.17
C CYS B 458 -8.73 -31.30 -4.53
N ILE B 459 -7.42 -31.35 -4.73
CA ILE B 459 -6.81 -31.90 -5.96
C ILE B 459 -7.18 -33.37 -6.13
N LEU B 460 -7.27 -34.15 -5.04
CA LEU B 460 -7.59 -35.57 -5.14
C LEU B 460 -9.09 -35.75 -5.30
N LEU B 461 -9.84 -34.78 -4.80
CA LEU B 461 -11.32 -34.72 -4.92
C LEU B 461 -11.68 -34.60 -6.41
N ARG B 462 -10.97 -33.72 -7.12
CA ARG B 462 -11.16 -33.45 -8.57
C ARG B 462 -10.79 -34.72 -9.36
N TRP B 463 -9.57 -35.23 -9.16
CA TRP B 463 -9.09 -36.44 -9.82
C TRP B 463 -10.06 -37.59 -9.67
N ALA B 464 -10.47 -37.89 -8.43
CA ALA B 464 -11.33 -39.02 -8.16
C ALA B 464 -12.66 -38.89 -8.87
N ARG B 465 -13.37 -37.78 -8.65
CA ARG B 465 -14.67 -37.56 -9.26
C ARG B 465 -14.63 -37.75 -10.76
N LEU B 466 -13.74 -37.01 -11.39
CA LEU B 466 -13.58 -36.98 -12.87
C LEU B 466 -13.21 -38.36 -13.43
N LEU B 467 -12.22 -38.97 -12.86
CA LEU B 467 -11.68 -40.29 -13.27
C LEU B 467 -12.75 -41.38 -13.13
N GLY B 468 -13.52 -41.35 -12.04
CA GLY B 468 -14.54 -42.35 -11.79
C GLY B 468 -15.74 -42.18 -12.70
N PHE B 469 -16.20 -40.94 -12.88
CA PHE B 469 -17.26 -40.67 -13.84
C PHE B 469 -16.92 -41.24 -15.20
N ALA B 470 -15.72 -40.94 -15.69
CA ALA B 470 -15.28 -41.46 -16.97
C ALA B 470 -15.35 -42.97 -16.99
N THR B 471 -14.61 -43.62 -16.09
CA THR B 471 -14.45 -45.06 -16.18
C THR B 471 -15.73 -45.83 -15.90
N VAL B 472 -16.78 -45.20 -15.37
CA VAL B 472 -18.07 -45.89 -15.23
C VAL B 472 -19.01 -45.55 -16.39
N TYR B 473 -19.35 -44.27 -16.57
CA TYR B 473 -20.39 -43.95 -17.55
C TYR B 473 -19.89 -44.12 -18.98
N GLY B 474 -18.58 -43.98 -19.20
CA GLY B 474 -18.04 -44.29 -20.51
C GLY B 474 -18.34 -45.71 -20.93
N THR B 475 -17.99 -46.68 -20.08
CA THR B 475 -18.21 -48.07 -20.45
C THR B 475 -19.69 -48.41 -20.47
N VAL B 476 -20.48 -47.77 -19.62
CA VAL B 476 -21.94 -47.94 -19.69
C VAL B 476 -22.45 -47.57 -21.07
N THR B 477 -22.22 -46.31 -21.46
CA THR B 477 -22.66 -45.71 -22.75
C THR B 477 -22.09 -46.51 -23.93
N LEU B 478 -20.88 -47.06 -23.79
CA LEU B 478 -20.23 -47.79 -24.88
C LEU B 478 -20.82 -49.19 -25.04
N LYS B 479 -21.33 -49.77 -23.95
CA LYS B 479 -22.06 -51.02 -24.10
C LYS B 479 -23.31 -50.81 -24.95
N LEU B 480 -24.03 -49.72 -24.69
CA LEU B 480 -25.15 -49.35 -25.54
C LEU B 480 -24.72 -49.16 -26.99
N HIS B 481 -23.53 -48.59 -27.19
CA HIS B 481 -23.04 -48.38 -28.55
C HIS B 481 -22.79 -49.71 -29.26
N ARG B 482 -22.18 -50.65 -28.55
CA ARG B 482 -21.96 -51.98 -29.11
C ARG B 482 -23.29 -52.64 -29.45
N VAL B 483 -24.28 -52.48 -28.57
CA VAL B 483 -25.62 -53.01 -28.84
C VAL B 483 -26.17 -52.44 -30.13
N LEU B 484 -26.14 -51.11 -30.26
CA LEU B 484 -26.72 -50.49 -31.45
C LEU B 484 -25.98 -50.89 -32.70
N LYS B 485 -24.67 -51.07 -32.62
CA LYS B 485 -23.90 -51.42 -33.80
C LYS B 485 -24.13 -52.87 -34.21
N VAL B 486 -24.34 -53.76 -33.23
CA VAL B 486 -24.65 -55.15 -33.56
C VAL B 486 -26.09 -55.27 -34.05
N PHE B 487 -26.97 -54.36 -33.64
CA PHE B 487 -28.34 -54.37 -34.14
C PHE B 487 -28.39 -54.16 -35.64
N LEU B 488 -27.36 -53.52 -36.21
CA LEU B 488 -27.26 -53.31 -37.65
C LEU B 488 -26.19 -54.22 -38.24
N ARG B 502 -13.01 -55.70 -28.61
CA ARG B 502 -13.17 -55.13 -27.23
C ARG B 502 -13.45 -53.63 -27.34
N VAL B 503 -13.91 -53.02 -26.24
CA VAL B 503 -14.22 -51.58 -26.15
C VAL B 503 -13.24 -50.89 -25.20
N MET B 504 -12.20 -51.61 -24.78
CA MET B 504 -11.13 -51.13 -23.87
C MET B 504 -10.23 -50.17 -24.65
N ARG B 505 -10.06 -50.44 -25.96
CA ARG B 505 -9.24 -49.61 -26.88
C ARG B 505 -9.99 -48.31 -27.16
N MET B 506 -11.32 -48.36 -27.15
CA MET B 506 -12.23 -47.20 -27.39
C MET B 506 -12.55 -46.54 -26.04
N LEU B 507 -11.88 -46.95 -24.97
CA LEU B 507 -12.06 -46.42 -23.59
C LEU B 507 -10.80 -45.67 -23.17
N ALA B 508 -9.61 -46.16 -23.54
CA ALA B 508 -8.35 -45.54 -23.18
C ALA B 508 -8.18 -44.18 -23.82
N VAL B 509 -8.86 -43.94 -24.94
CA VAL B 509 -8.93 -42.59 -25.50
C VAL B 509 -9.47 -41.62 -24.46
N ILE B 510 -10.60 -41.97 -23.85
CA ILE B 510 -11.26 -41.08 -22.92
C ILE B 510 -10.40 -40.85 -21.70
N LEU B 511 -9.79 -41.94 -21.22
CA LEU B 511 -8.88 -41.97 -20.05
C LEU B 511 -7.65 -41.11 -20.35
N LEU B 512 -7.20 -41.10 -21.62
CA LEU B 512 -6.04 -40.33 -22.03
C LEU B 512 -6.37 -38.84 -22.05
N VAL B 513 -7.55 -38.52 -22.58
CA VAL B 513 -8.07 -37.13 -22.68
C VAL B 513 -8.22 -36.58 -21.25
N VAL B 514 -8.70 -37.42 -20.33
CA VAL B 514 -8.95 -37.09 -18.90
C VAL B 514 -7.60 -36.85 -18.20
N PHE B 515 -6.67 -37.79 -18.32
CA PHE B 515 -5.37 -37.68 -17.68
C PHE B 515 -4.62 -36.46 -18.19
N TRP B 516 -4.79 -36.17 -19.48
CA TRP B 516 -4.18 -35.00 -20.17
C TRP B 516 -4.67 -33.71 -19.50
N PHE B 517 -5.98 -33.55 -19.34
CA PHE B 517 -6.63 -32.35 -18.73
C PHE B 517 -6.23 -32.24 -17.25
N LEU B 518 -6.24 -33.36 -16.55
CA LEU B 518 -5.92 -33.48 -15.10
C LEU B 518 -4.48 -32.99 -14.87
N ILE B 519 -3.53 -33.59 -15.59
CA ILE B 519 -2.12 -33.23 -15.51
C ILE B 519 -1.96 -31.74 -15.72
N GLY B 520 -2.60 -31.20 -16.75
CA GLY B 520 -2.48 -29.78 -17.05
C GLY B 520 -3.00 -28.91 -15.94
N TRP B 521 -4.22 -29.23 -15.46
CA TRP B 521 -4.92 -28.50 -14.38
C TRP B 521 -4.05 -28.49 -13.12
N THR B 522 -3.61 -29.68 -12.68
CA THR B 522 -2.76 -29.85 -11.51
C THR B 522 -1.48 -29.04 -11.64
N SER B 523 -0.88 -29.06 -12.82
CA SER B 523 0.38 -28.34 -13.01
C SER B 523 0.16 -26.84 -12.93
N SER B 524 -0.88 -26.34 -13.60
CA SER B 524 -1.12 -24.90 -13.59
C SER B 524 -1.42 -24.40 -12.19
N VAL B 525 -2.01 -25.31 -11.39
CA VAL B 525 -2.38 -25.04 -9.98
C VAL B 525 -1.11 -25.00 -9.12
N CYS B 526 -0.37 -26.11 -9.06
CA CYS B 526 0.77 -26.26 -8.16
C CYS B 526 1.97 -25.44 -8.61
N GLN B 527 1.99 -24.98 -9.86
CA GLN B 527 3.17 -24.31 -10.40
C GLN B 527 3.07 -22.80 -10.28
N ASN B 528 1.86 -22.25 -10.38
CA ASN B 528 1.64 -20.81 -10.41
C ASN B 528 0.80 -20.30 -9.27
N LEU B 529 -0.39 -20.87 -9.06
CA LEU B 529 -1.42 -20.28 -8.22
C LEU B 529 -1.53 -20.98 -6.87
N GLU B 530 -0.40 -21.46 -6.36
CA GLU B 530 -0.37 -22.18 -5.06
C GLU B 530 0.59 -21.48 -4.08
N LYS B 531 1.57 -20.73 -4.60
CA LYS B 531 2.61 -20.07 -3.83
C LYS B 531 2.71 -18.59 -4.12
N GLN B 532 2.48 -18.16 -5.36
CA GLN B 532 2.70 -16.77 -5.73
C GLN B 532 1.78 -15.81 -4.98
N ILE B 533 0.49 -15.84 -5.29
CA ILE B 533 -0.46 -14.98 -4.58
C ILE B 533 -1.74 -15.76 -4.27
N SER B 534 -1.85 -16.98 -4.78
CA SER B 534 -3.13 -17.67 -4.88
C SER B 534 -3.10 -18.97 -4.08
N LEU B 535 -4.22 -19.31 -3.44
CA LEU B 535 -4.32 -20.54 -2.60
C LEU B 535 -5.69 -21.21 -2.78
N ILE B 536 -5.75 -22.51 -2.48
CA ILE B 536 -6.99 -23.34 -2.56
C ILE B 536 -7.83 -23.08 -1.31
N GLY B 537 -7.19 -22.99 -0.15
CA GLY B 537 -7.88 -22.71 1.12
C GLY B 537 -8.60 -21.37 1.07
N GLN B 538 -9.94 -21.39 1.10
CA GLN B 538 -10.79 -20.19 1.03
C GLN B 538 -11.71 -20.15 2.26
N GLY B 539 -11.93 -18.97 2.83
CA GLY B 539 -12.78 -18.79 4.03
C GLY B 539 -14.04 -18.02 3.74
N LYS B 540 -15.20 -18.66 3.90
CA LYS B 540 -16.51 -17.98 3.67
C LYS B 540 -17.18 -17.69 5.01
N THR B 541 -18.36 -17.07 4.98
CA THR B 541 -19.12 -16.77 6.21
C THR B 541 -20.60 -17.10 6.01
N SER B 542 -21.24 -17.75 7.00
CA SER B 542 -22.68 -18.12 6.88
C SER B 542 -23.57 -16.90 7.18
N ASP B 543 -23.66 -16.45 8.44
CA ASP B 543 -24.45 -15.25 8.83
C ASP B 543 -23.42 -14.18 9.25
N HIS B 544 -22.68 -14.44 10.33
CA HIS B 544 -21.55 -13.64 10.77
C HIS B 544 -20.45 -14.53 11.33
N LEU B 545 -20.35 -15.76 10.81
CA LEU B 545 -19.45 -16.78 11.34
C LEU B 545 -18.75 -17.45 10.19
N ILE B 546 -17.52 -17.91 10.43
CA ILE B 546 -16.67 -18.45 9.33
C ILE B 546 -16.60 -19.99 9.32
N PHE B 547 -16.00 -20.52 8.25
CA PHE B 547 -15.80 -21.94 8.01
C PHE B 547 -14.87 -22.12 6.81
N ASN B 548 -13.89 -23.01 6.97
CA ASN B 548 -12.90 -23.29 5.90
C ASN B 548 -13.47 -24.31 4.91
N MET B 549 -13.00 -24.29 3.66
CA MET B 549 -13.44 -25.19 2.61
C MET B 549 -12.51 -25.09 1.41
N CYS B 550 -12.75 -25.98 0.44
CA CYS B 550 -12.12 -25.90 -0.87
C CYS B 550 -12.92 -24.96 -1.76
N LEU B 551 -12.23 -24.31 -2.70
CA LEU B 551 -12.86 -23.37 -3.60
C LEU B 551 -13.18 -24.02 -4.93
N ILE B 552 -13.98 -23.32 -5.73
CA ILE B 552 -14.31 -23.73 -7.09
C ILE B 552 -13.66 -22.75 -8.06
N ASP B 553 -13.62 -23.15 -9.33
CA ASP B 553 -13.12 -22.31 -10.40
C ASP B 553 -13.76 -22.79 -11.70
N ARG B 554 -13.80 -21.89 -12.70
CA ARG B 554 -14.51 -22.09 -14.01
C ARG B 554 -14.28 -23.50 -14.56
N TRP B 555 -13.08 -24.05 -14.36
CA TRP B 555 -12.78 -25.43 -14.76
C TRP B 555 -13.87 -26.40 -14.31
N ASP B 556 -14.44 -26.22 -13.10
CA ASP B 556 -15.47 -27.12 -12.60
C ASP B 556 -16.76 -26.95 -13.37
N TYR B 557 -17.09 -25.71 -13.73
CA TYR B 557 -18.30 -25.46 -14.51
C TYR B 557 -18.20 -26.15 -15.86
N MET B 558 -17.05 -26.01 -16.52
CA MET B 558 -16.87 -26.63 -17.83
C MET B 558 -16.86 -28.16 -17.71
N THR B 559 -16.30 -28.69 -16.63
CA THR B 559 -16.37 -30.12 -16.35
C THR B 559 -17.81 -30.60 -16.28
N ALA B 560 -18.63 -29.91 -15.49
CA ALA B 560 -20.05 -30.25 -15.39
C ALA B 560 -20.72 -30.25 -16.76
N VAL B 561 -20.40 -29.25 -17.58
CA VAL B 561 -20.96 -29.20 -18.93
C VAL B 561 -20.55 -30.42 -19.73
N ALA B 562 -19.29 -30.84 -19.59
CA ALA B 562 -18.82 -32.04 -20.29
C ALA B 562 -19.61 -33.26 -19.89
N GLU B 563 -19.82 -33.43 -18.59
CA GLU B 563 -20.61 -34.56 -18.10
C GLU B 563 -22.01 -34.54 -18.71
N PHE B 564 -22.65 -33.37 -18.68
CA PHE B 564 -23.94 -33.18 -19.33
C PHE B 564 -23.93 -33.66 -20.78
N LEU B 565 -22.93 -33.24 -21.54
CA LEU B 565 -22.94 -33.50 -22.98
C LEU B 565 -22.69 -34.98 -23.28
N PHE B 566 -21.80 -35.57 -22.49
CA PHE B 566 -21.43 -37.01 -22.56
C PHE B 566 -22.68 -37.83 -22.30
N LEU B 567 -23.53 -37.39 -21.36
CA LEU B 567 -24.76 -38.09 -21.03
C LEU B 567 -25.88 -37.76 -22.02
N LEU B 568 -25.79 -36.64 -22.73
CA LEU B 568 -26.74 -36.40 -23.82
C LEU B 568 -26.49 -37.35 -24.98
N TRP B 569 -25.23 -37.65 -25.25
CA TRP B 569 -24.92 -38.71 -26.22
C TRP B 569 -25.54 -40.01 -25.76
N GLY B 570 -25.42 -40.31 -24.47
CA GLY B 570 -26.05 -41.52 -23.95
C GLY B 570 -27.56 -41.50 -24.09
N VAL B 571 -28.15 -40.32 -23.91
CA VAL B 571 -29.61 -40.18 -24.00
C VAL B 571 -30.08 -40.48 -25.42
N TYR B 572 -29.47 -39.83 -26.41
CA TYR B 572 -29.83 -40.12 -27.80
C TYR B 572 -29.61 -41.59 -28.11
N LEU B 573 -28.54 -42.18 -27.58
CA LEU B 573 -28.21 -43.55 -27.92
C LEU B 573 -29.22 -44.51 -27.32
N CYS B 574 -29.83 -44.06 -26.22
CA CYS B 574 -30.88 -44.81 -25.50
C CYS B 574 -32.20 -44.69 -26.27
N TYR B 575 -32.51 -43.50 -26.80
CA TYR B 575 -33.75 -43.26 -27.55
C TYR B 575 -33.71 -43.98 -28.90
N ALA B 576 -32.53 -44.17 -29.47
CA ALA B 576 -32.44 -44.88 -30.74
C ALA B 576 -32.74 -46.35 -30.57
N VAL B 577 -32.32 -46.92 -29.43
CA VAL B 577 -32.57 -48.35 -29.15
C VAL B 577 -33.75 -48.48 -28.18
N ARG B 578 -34.98 -48.52 -28.70
CA ARG B 578 -36.20 -48.63 -27.87
C ARG B 578 -37.12 -49.75 -28.40
N THR B 579 -36.62 -50.63 -29.27
CA THR B 579 -37.44 -51.70 -29.82
C THR B 579 -36.64 -52.97 -30.07
N VAL B 580 -35.42 -53.08 -29.57
CA VAL B 580 -34.58 -54.24 -29.84
C VAL B 580 -35.05 -55.42 -28.98
N PRO B 581 -34.92 -56.66 -29.44
CA PRO B 581 -35.07 -57.78 -28.51
C PRO B 581 -33.80 -57.99 -27.71
N SER B 582 -33.96 -58.54 -26.51
CA SER B 582 -32.80 -58.78 -25.62
C SER B 582 -33.12 -59.94 -24.67
N ALA B 583 -32.10 -60.51 -24.03
CA ALA B 583 -32.24 -61.62 -23.10
C ALA B 583 -32.59 -61.17 -21.68
N PHE B 584 -32.19 -59.95 -21.30
CA PHE B 584 -32.34 -59.48 -19.93
C PHE B 584 -32.87 -58.06 -19.81
N HIS B 585 -33.23 -57.41 -20.92
CA HIS B 585 -33.75 -56.04 -20.91
C HIS B 585 -32.77 -55.07 -20.26
N GLU B 586 -31.48 -55.35 -20.40
CA GLU B 586 -30.43 -54.51 -19.82
C GLU B 586 -30.50 -53.06 -20.27
N PRO B 587 -30.68 -52.76 -21.57
CA PRO B 587 -30.77 -51.38 -22.06
C PRO B 587 -31.80 -50.55 -21.29
N ARG B 588 -32.87 -51.19 -20.81
CA ARG B 588 -33.97 -50.54 -20.05
C ARG B 588 -33.41 -49.96 -18.75
N TYR B 589 -32.64 -50.76 -18.01
CA TYR B 589 -32.08 -50.36 -16.73
C TYR B 589 -30.91 -49.40 -16.92
N MET B 590 -30.09 -49.65 -17.94
CA MET B 590 -29.00 -48.74 -18.27
C MET B 590 -29.52 -47.33 -18.55
N ALA B 591 -30.56 -47.23 -19.38
CA ALA B 591 -31.11 -45.92 -19.71
C ALA B 591 -31.67 -45.23 -18.48
N VAL B 592 -32.27 -46.04 -17.59
CA VAL B 592 -32.85 -45.58 -16.29
C VAL B 592 -31.71 -44.93 -15.49
N ALA B 593 -30.55 -45.58 -15.45
CA ALA B 593 -29.37 -45.10 -14.74
C ALA B 593 -28.84 -43.81 -15.35
N VAL B 594 -28.83 -43.75 -16.69
CA VAL B 594 -28.28 -42.60 -17.38
C VAL B 594 -29.12 -41.36 -17.11
N HIS B 595 -30.44 -41.48 -17.31
CA HIS B 595 -31.33 -40.35 -17.05
C HIS B 595 -31.22 -39.89 -15.60
N ASN B 596 -31.20 -40.84 -14.67
CA ASN B 596 -31.10 -40.50 -13.25
C ASN B 596 -29.83 -39.72 -12.97
N GLU B 597 -28.72 -40.22 -13.52
CA GLU B 597 -27.36 -39.62 -13.39
C GLU B 597 -27.40 -38.18 -13.92
N LEU B 598 -27.99 -37.97 -15.10
CA LEU B 598 -28.06 -36.66 -15.72
C LEU B 598 -28.81 -35.67 -14.85
N ILE B 599 -30.01 -36.06 -14.41
CA ILE B 599 -30.85 -35.12 -13.67
C ILE B 599 -30.21 -34.77 -12.33
N ILE B 600 -29.89 -35.79 -11.53
CA ILE B 600 -29.31 -35.65 -10.16
C ILE B 600 -27.99 -34.88 -10.23
N SER B 601 -27.18 -35.17 -11.25
CA SER B 601 -25.84 -34.57 -11.48
C SER B 601 -26.02 -33.08 -11.75
N ALA B 602 -27.01 -32.71 -12.57
CA ALA B 602 -27.31 -31.32 -12.90
C ALA B 602 -27.75 -30.56 -11.66
N ILE B 603 -28.69 -31.14 -10.91
CA ILE B 603 -29.20 -30.48 -9.71
C ILE B 603 -28.08 -30.24 -8.71
N PHE B 604 -27.28 -31.28 -8.42
CA PHE B 604 -26.24 -31.15 -7.42
C PHE B 604 -25.19 -30.13 -7.83
N HIS B 605 -24.74 -30.17 -9.08
CA HIS B 605 -23.70 -29.24 -9.49
C HIS B 605 -24.23 -27.81 -9.45
N THR B 606 -25.49 -27.61 -9.85
CA THR B 606 -26.08 -26.28 -9.80
C THR B 606 -26.13 -25.77 -8.36
N ILE B 607 -26.66 -26.57 -7.45
CA ILE B 607 -26.83 -26.13 -6.07
C ILE B 607 -25.47 -25.91 -5.41
N ARG B 608 -24.47 -26.66 -5.89
CA ARG B 608 -23.08 -26.62 -5.39
C ARG B 608 -22.41 -25.30 -5.80
N PHE B 609 -22.62 -24.84 -7.04
CA PHE B 609 -21.97 -23.65 -7.56
C PHE B 609 -22.69 -22.38 -7.12
N VAL B 610 -24.02 -22.46 -7.00
CA VAL B 610 -24.84 -21.27 -6.76
C VAL B 610 -24.48 -20.60 -5.43
N LEU B 611 -24.34 -21.38 -4.37
CA LEU B 611 -24.33 -20.84 -3.02
C LEU B 611 -23.23 -21.48 -2.16
N ALA B 612 -22.07 -21.70 -2.75
CA ALA B 612 -21.00 -22.34 -2.00
C ALA B 612 -20.35 -21.43 -0.99
N SER B 613 -20.60 -20.13 -0.96
CA SER B 613 -20.02 -19.25 0.05
C SER B 613 -20.74 -19.30 1.38
N ARG B 614 -21.98 -19.82 1.38
CA ARG B 614 -22.84 -19.90 2.59
C ARG B 614 -23.16 -21.37 2.88
N LEU B 615 -22.14 -22.23 2.95
CA LEU B 615 -22.41 -23.65 3.26
C LEU B 615 -21.44 -24.19 4.32
N GLN B 616 -21.87 -24.25 5.58
CA GLN B 616 -21.07 -24.77 6.66
C GLN B 616 -20.70 -26.22 6.38
N SER B 617 -19.61 -26.68 7.01
CA SER B 617 -18.90 -27.87 6.56
C SER B 617 -19.58 -29.16 6.97
N ASP B 618 -20.82 -29.12 7.45
CA ASP B 618 -21.62 -30.31 7.69
C ASP B 618 -22.76 -30.47 6.70
N TRP B 619 -23.02 -29.47 5.86
CA TRP B 619 -24.07 -29.56 4.86
C TRP B 619 -23.55 -30.08 3.53
N MET B 620 -22.36 -29.64 3.11
CA MET B 620 -21.76 -30.16 1.90
C MET B 620 -21.53 -31.66 2.01
N LEU B 621 -21.17 -32.14 3.19
CA LEU B 621 -20.93 -33.57 3.37
C LEU B 621 -22.23 -34.35 3.20
N MET B 622 -23.33 -33.83 3.77
CA MET B 622 -24.63 -34.46 3.59
C MET B 622 -25.05 -34.44 2.12
N LEU B 623 -24.73 -33.36 1.42
CA LEU B 623 -25.14 -33.24 0.03
C LEU B 623 -24.38 -34.23 -0.85
N TYR B 624 -23.07 -34.32 -0.64
CA TYR B 624 -22.28 -35.33 -1.33
C TYR B 624 -22.77 -36.73 -1.00
N PHE B 625 -23.12 -36.97 0.27
CA PHE B 625 -23.65 -38.26 0.68
C PHE B 625 -24.88 -38.62 -0.14
N ALA B 626 -25.86 -37.71 -0.17
CA ALA B 626 -27.10 -37.95 -0.90
C ALA B 626 -26.82 -38.20 -2.37
N HIS B 627 -26.11 -37.27 -3.01
CA HIS B 627 -25.85 -37.36 -4.44
C HIS B 627 -25.15 -38.67 -4.79
N THR B 628 -24.04 -38.97 -4.13
CA THR B 628 -23.27 -40.14 -4.53
C THR B 628 -24.04 -41.42 -4.21
N HIS B 629 -24.80 -41.44 -3.11
CA HIS B 629 -25.55 -42.65 -2.79
C HIS B 629 -26.62 -42.91 -3.83
N LEU B 630 -27.51 -41.93 -4.06
CA LEU B 630 -28.53 -42.05 -5.10
C LEU B 630 -27.93 -42.51 -6.42
N THR B 631 -27.05 -41.69 -7.00
CA THR B 631 -26.55 -41.96 -8.34
C THR B 631 -25.80 -43.28 -8.42
N VAL B 632 -24.76 -43.45 -7.60
CA VAL B 632 -23.88 -44.59 -7.78
C VAL B 632 -24.55 -45.87 -7.33
N THR B 633 -25.26 -45.85 -6.19
CA THR B 633 -25.88 -47.07 -5.71
C THR B 633 -26.97 -47.52 -6.66
N VAL B 634 -27.72 -46.56 -7.26
CA VAL B 634 -28.69 -46.94 -8.29
C VAL B 634 -27.97 -47.53 -9.49
N THR B 635 -26.92 -46.90 -9.90
CA THR B 635 -26.20 -47.35 -11.08
C THR B 635 -25.57 -48.73 -10.88
N ILE B 636 -25.29 -49.09 -9.63
CA ILE B 636 -24.73 -50.41 -9.36
C ILE B 636 -25.83 -51.45 -9.27
N GLY B 637 -26.90 -51.13 -8.53
CA GLY B 637 -28.00 -52.06 -8.39
C GLY B 637 -28.61 -52.42 -9.73
N LEU B 638 -28.89 -51.42 -10.56
CA LEU B 638 -29.58 -51.65 -11.81
C LEU B 638 -28.80 -52.56 -12.76
N LEU B 639 -27.47 -52.59 -12.63
CA LEU B 639 -26.65 -53.44 -13.48
C LEU B 639 -26.27 -54.77 -12.83
N LEU B 640 -26.29 -54.84 -11.50
CA LEU B 640 -25.85 -56.05 -10.74
C LEU B 640 -27.05 -56.89 -10.29
N ILE B 641 -27.97 -56.29 -9.54
CA ILE B 641 -29.16 -56.97 -8.95
C ILE B 641 -29.82 -57.94 -9.93
N PRO B 642 -30.23 -57.53 -11.15
CA PRO B 642 -30.97 -58.40 -12.07
C PRO B 642 -30.20 -59.66 -12.54
N LYS B 643 -28.89 -59.72 -12.29
CA LYS B 643 -28.04 -60.81 -12.74
C LYS B 643 -27.96 -61.96 -11.74
N PHE B 644 -28.76 -61.87 -10.67
CA PHE B 644 -28.82 -62.92 -9.63
C PHE B 644 -30.23 -63.53 -9.59
N SER B 645 -31.19 -62.88 -10.24
CA SER B 645 -32.60 -63.34 -10.29
C SER B 645 -32.98 -63.72 -11.72
#